data_4WLV
#
_entry.id   4WLV
#
_cell.length_a   59.864
_cell.length_b   152.016
_cell.length_c   155.669
_cell.angle_alpha   90.00
_cell.angle_beta   90.00
_cell.angle_gamma   90.00
#
_symmetry.space_group_name_H-M   'P 21 21 21'
#
loop_
_entity.id
_entity.type
_entity.pdbx_description
1 polymer 'Malate dehydrogenase, mitochondrial'
2 non-polymer NICOTINAMIDE-ADENINE-DINUCLEOTIDE
3 non-polymer 'PHOSPHATE ION'
4 water water
#
_entity_poly.entity_id   1
_entity_poly.type   'polypeptide(L)'
_entity_poly.pdbx_seq_one_letter_code
;MGSSHHHHHHSSGLVPRGSHMSAQNNAKVAVLGASGGIGQPLSLLLKNSPLVSRLTLYDIAHTPGVAADLSHIETKAAVK
GYLGPEQLPDCLKGCDVVVIPAGVPRKPGMTRDDLFNTNATIVATLTAACAQHCPEAMICVIANPVNSTIPITAEVFKKH
GVYNPNKIFGVTTLDIVRANTFVAELKGLDPARVNVPVIGGHAGKTIIPLISQCTPKVDFPQDQLTALTGRIQEAGTEVV
KAKAGAGSATLSMAYAGARFVFSLVDAMNGKEGVVECSFVKSQETECTYFSTPLLLGKKGIEKNLGIGKVSSFEEKMISD
AIPELKASIKKGEDFVKTLK
;
_entity_poly.pdbx_strand_id   A,B,C,D
#
# COMPACT_ATOMS: atom_id res chain seq x y z
N ASN A 26 32.77 17.65 -7.74
CA ASN A 26 32.20 16.31 -8.07
C ASN A 26 30.77 16.39 -8.61
N ALA A 27 30.22 15.23 -8.97
CA ALA A 27 29.00 15.13 -9.75
C ALA A 27 27.74 15.62 -9.03
N LYS A 28 26.92 16.39 -9.75
CA LYS A 28 25.60 16.77 -9.25
C LYS A 28 24.54 15.93 -9.94
N VAL A 29 23.84 15.11 -9.16
CA VAL A 29 22.93 14.11 -9.69
C VAL A 29 21.50 14.36 -9.24
N ALA A 30 20.59 14.36 -10.21
CA ALA A 30 19.16 14.47 -9.98
C ALA A 30 18.49 13.11 -10.19
N VAL A 31 17.55 12.78 -9.30
CA VAL A 31 16.72 11.60 -9.44
C VAL A 31 15.26 12.03 -9.55
N LEU A 32 14.63 11.70 -10.68
CA LEU A 32 13.23 12.02 -10.92
C LEU A 32 12.36 10.77 -10.73
N GLY A 33 11.47 10.83 -9.74
CA GLY A 33 10.77 9.66 -9.26
C GLY A 33 11.51 9.07 -8.08
N ALA A 34 11.98 9.94 -7.20
CA ALA A 34 12.88 9.55 -6.11
C ALA A 34 12.19 8.87 -4.92
N SER A 35 10.85 8.94 -4.86
CA SER A 35 10.10 8.34 -3.74
C SER A 35 9.63 6.92 -4.02
N GLY A 36 9.89 6.41 -5.22
CA GLY A 36 9.40 5.10 -5.62
C GLY A 36 10.27 3.97 -5.13
N GLY A 37 9.92 2.76 -5.55
CA GLY A 37 10.63 1.56 -5.14
C GLY A 37 12.06 1.52 -5.62
N ILE A 38 12.30 1.95 -6.86
CA ILE A 38 13.67 2.08 -7.38
C ILE A 38 14.32 3.35 -6.86
N GLY A 39 13.58 4.45 -6.93
CA GLY A 39 14.10 5.77 -6.62
C GLY A 39 14.73 5.92 -5.25
N GLN A 40 14.11 5.32 -4.23
CA GLN A 40 14.59 5.50 -2.85
C GLN A 40 15.93 4.79 -2.60
N PRO A 41 16.03 3.50 -2.89
CA PRO A 41 17.32 2.84 -2.74
C PRO A 41 18.38 3.37 -3.68
N LEU A 42 17.98 3.74 -4.89
CA LEU A 42 18.89 4.39 -5.82
C LEU A 42 19.46 5.65 -5.19
N SER A 43 18.58 6.45 -4.62
CA SER A 43 18.98 7.68 -3.97
C SER A 43 19.93 7.40 -2.82
N LEU A 44 19.72 6.30 -2.12
CA LEU A 44 20.56 5.89 -1.00
C LEU A 44 21.96 5.54 -1.49
N LEU A 45 22.05 4.74 -2.55
CA LEU A 45 23.35 4.40 -3.13
C LEU A 45 24.11 5.65 -3.60
N LEU A 46 23.40 6.56 -4.27
CA LEU A 46 24.01 7.79 -4.73
C LEU A 46 24.50 8.64 -3.56
N LYS A 47 23.67 8.76 -2.54
CA LYS A 47 24.04 9.46 -1.31
C LYS A 47 25.30 8.88 -0.66
N ASN A 48 25.43 7.56 -0.67
CA ASN A 48 26.58 6.91 -0.02
C ASN A 48 27.90 7.11 -0.77
N SER A 49 27.84 7.60 -2.00
CA SER A 49 29.02 7.60 -2.86
C SER A 49 29.83 8.88 -2.78
N PRO A 50 31.16 8.76 -2.61
CA PRO A 50 32.01 9.95 -2.63
C PRO A 50 32.10 10.65 -4.00
N LEU A 51 31.56 10.04 -5.05
CA LEU A 51 31.52 10.65 -6.38
C LEU A 51 30.40 11.68 -6.55
N VAL A 52 29.47 11.75 -5.59
CA VAL A 52 28.33 12.66 -5.67
C VAL A 52 28.50 13.79 -4.66
N SER A 53 28.55 15.03 -5.15
CA SER A 53 28.67 16.22 -4.28
C SER A 53 27.31 16.82 -3.94
N ARG A 54 26.31 16.55 -4.78
CA ARG A 54 24.97 17.08 -4.58
C ARG A 54 23.93 16.13 -5.17
N LEU A 55 22.89 15.86 -4.39
CA LEU A 55 21.84 14.93 -4.78
C LEU A 55 20.48 15.64 -4.66
N THR A 56 19.87 15.92 -5.81
CA THR A 56 18.55 16.57 -5.83
C THR A 56 17.47 15.55 -6.21
N LEU A 57 16.44 15.47 -5.38
CA LEU A 57 15.41 14.44 -5.51
C LEU A 57 14.08 15.08 -5.87
N TYR A 58 13.40 14.50 -6.85
CA TYR A 58 12.11 14.98 -7.29
C TYR A 58 11.09 13.84 -7.36
N ASP A 59 9.86 14.16 -6.98
CA ASP A 59 8.71 13.28 -7.16
C ASP A 59 7.45 14.11 -6.99
N ILE A 60 6.31 13.53 -7.32
CA ILE A 60 5.01 14.19 -7.11
C ILE A 60 4.45 13.92 -5.70
N ALA A 61 5.12 13.06 -4.94
CA ALA A 61 4.71 12.76 -3.56
C ALA A 61 5.90 12.27 -2.73
N HIS A 62 5.88 12.59 -1.43
CA HIS A 62 6.78 12.02 -0.41
C HIS A 62 8.25 12.45 -0.47
N THR A 63 8.61 13.35 -1.39
CA THR A 63 10.02 13.70 -1.59
C THR A 63 10.69 14.34 -0.36
N PRO A 64 10.01 15.30 0.30
CA PRO A 64 10.64 15.96 1.45
C PRO A 64 10.96 15.01 2.60
N GLY A 65 10.15 13.98 2.79
CA GLY A 65 10.43 12.94 3.78
C GLY A 65 11.62 12.05 3.42
N VAL A 66 11.70 11.67 2.15
CA VAL A 66 12.83 10.86 1.67
C VAL A 66 14.14 11.66 1.78
N ALA A 67 14.08 12.96 1.47
CA ALA A 67 15.28 13.82 1.55
C ALA A 67 15.74 14.06 2.99
N ALA A 68 14.80 14.31 3.90
CA ALA A 68 15.15 14.50 5.31
C ALA A 68 15.88 13.28 5.84
N ASP A 69 15.29 12.12 5.56
CA ASP A 69 15.85 10.83 5.90
C ASP A 69 17.31 10.71 5.43
N LEU A 70 17.52 10.88 4.12
CA LEU A 70 18.85 10.75 3.53
C LEU A 70 19.84 11.82 4.00
N SER A 71 19.34 13.00 4.36
CA SER A 71 20.22 14.10 4.80
C SER A 71 20.93 13.82 6.12
N HIS A 72 20.52 12.79 6.85
CA HIS A 72 21.21 12.41 8.08
C HIS A 72 22.40 11.49 7.89
N ILE A 73 22.54 10.91 6.70
CA ILE A 73 23.66 10.04 6.42
C ILE A 73 24.95 10.85 6.37
N GLU A 74 25.98 10.31 7.01
CA GLU A 74 27.27 10.96 7.24
C GLU A 74 28.20 11.01 6.01
N THR A 75 27.67 11.34 4.85
CA THR A 75 28.49 11.57 3.65
C THR A 75 28.35 13.00 3.20
N LYS A 76 29.23 13.42 2.31
CA LYS A 76 29.36 14.84 1.95
C LYS A 76 28.23 15.35 1.07
N ALA A 77 27.60 14.46 0.30
CA ALA A 77 26.59 14.87 -0.69
C ALA A 77 25.47 15.71 -0.06
N ALA A 78 25.25 16.91 -0.59
CA ALA A 78 24.15 17.76 -0.13
C ALA A 78 22.85 17.23 -0.72
N VAL A 79 21.88 16.93 0.15
CA VAL A 79 20.61 16.34 -0.26
C VAL A 79 19.50 17.38 -0.18
N LYS A 80 18.75 17.55 -1.26
CA LYS A 80 17.57 18.43 -1.28
C LYS A 80 16.40 17.74 -1.97
N GLY A 81 15.23 17.83 -1.36
CA GLY A 81 14.01 17.24 -1.90
C GLY A 81 13.13 18.29 -2.57
N TYR A 82 12.50 17.91 -3.68
CA TYR A 82 11.63 18.81 -4.43
C TYR A 82 10.31 18.11 -4.70
N LEU A 83 9.22 18.87 -4.61
CA LEU A 83 7.88 18.31 -4.69
C LEU A 83 6.98 19.16 -5.59
N GLY A 84 6.42 18.54 -6.63
CA GLY A 84 5.47 19.21 -7.52
C GLY A 84 6.09 20.03 -8.65
N PRO A 85 5.37 20.16 -9.78
CA PRO A 85 5.83 20.87 -10.98
C PRO A 85 6.58 22.19 -10.77
N GLU A 86 6.15 23.00 -9.80
CA GLU A 86 6.83 24.29 -9.53
C GLU A 86 8.31 24.09 -9.17
N GLN A 87 8.62 22.98 -8.52
CA GLN A 87 9.94 22.76 -7.95
C GLN A 87 10.88 21.91 -8.82
N LEU A 88 10.34 21.34 -9.89
CA LEU A 88 11.12 20.51 -10.81
C LEU A 88 12.31 21.27 -11.41
N PRO A 89 12.11 22.51 -11.87
CA PRO A 89 13.25 23.23 -12.46
C PRO A 89 14.41 23.42 -11.49
N ASP A 90 14.09 23.71 -10.23
CA ASP A 90 15.14 23.90 -9.21
C ASP A 90 15.89 22.60 -8.92
N CYS A 91 15.21 21.47 -9.08
CA CYS A 91 15.85 20.16 -8.94
C CYS A 91 16.88 19.90 -10.06
N LEU A 92 16.60 20.40 -11.26
CA LEU A 92 17.41 20.10 -12.45
C LEU A 92 18.58 21.06 -12.68
N LYS A 93 18.48 22.28 -12.16
CA LYS A 93 19.47 23.33 -12.41
C LYS A 93 20.89 22.91 -12.00
N GLY A 94 21.82 23.00 -12.94
CA GLY A 94 23.22 22.66 -12.68
C GLY A 94 23.55 21.17 -12.62
N CYS A 95 22.59 20.30 -12.95
CA CYS A 95 22.83 18.85 -12.88
C CYS A 95 23.77 18.35 -13.97
N ASP A 96 24.68 17.45 -13.58
CA ASP A 96 25.57 16.76 -14.50
C ASP A 96 24.88 15.53 -15.07
N VAL A 97 24.06 14.88 -14.25
CA VAL A 97 23.42 13.61 -14.60
C VAL A 97 22.01 13.59 -14.03
N VAL A 98 21.06 13.15 -14.85
CA VAL A 98 19.68 12.94 -14.40
C VAL A 98 19.31 11.48 -14.61
N VAL A 99 18.82 10.84 -13.55
CA VAL A 99 18.31 9.47 -13.63
C VAL A 99 16.80 9.54 -13.44
N ILE A 100 16.06 8.84 -14.28
CA ILE A 100 14.60 8.93 -14.30
C ILE A 100 13.97 7.54 -14.12
N PRO A 101 13.84 7.10 -12.86
CA PRO A 101 13.08 5.89 -12.56
C PRO A 101 11.57 6.11 -12.51
N ALA A 102 11.12 7.36 -12.53
CA ALA A 102 9.68 7.69 -12.51
C ALA A 102 8.90 6.90 -13.55
N GLY A 103 7.82 6.25 -13.13
CA GLY A 103 6.98 5.44 -14.03
C GLY A 103 6.22 4.38 -13.28
N VAL A 104 5.24 3.78 -13.95
CA VAL A 104 4.44 2.70 -13.37
C VAL A 104 5.12 1.35 -13.62
N PRO A 105 5.27 0.53 -12.57
CA PRO A 105 5.82 -0.81 -12.75
C PRO A 105 4.75 -1.80 -13.22
N ARG A 106 5.21 -2.99 -13.61
CA ARG A 106 4.36 -4.05 -14.13
C ARG A 106 3.70 -4.86 -13.01
N LYS A 107 2.55 -5.45 -13.34
CA LYS A 107 1.95 -6.51 -12.55
C LYS A 107 2.19 -7.82 -13.28
N PRO A 108 2.04 -8.96 -12.59
CA PRO A 108 2.15 -10.25 -13.28
C PRO A 108 1.24 -10.35 -14.50
N GLY A 109 1.79 -10.88 -15.59
CA GLY A 109 1.05 -11.06 -16.84
C GLY A 109 1.16 -9.89 -17.82
N MET A 110 1.65 -8.74 -17.36
CA MET A 110 1.83 -7.58 -18.24
C MET A 110 3.17 -7.69 -18.99
N THR A 111 3.21 -7.13 -20.19
CA THR A 111 4.47 -6.88 -20.90
C THR A 111 4.91 -5.48 -20.50
N ARG A 112 6.17 -5.16 -20.75
CA ARG A 112 6.66 -3.79 -20.52
C ARG A 112 5.93 -2.81 -21.45
N ASP A 113 5.62 -3.27 -22.66
CA ASP A 113 4.91 -2.46 -23.64
C ASP A 113 3.50 -2.06 -23.16
N ASP A 114 2.89 -2.86 -22.30
CA ASP A 114 1.57 -2.53 -21.74
C ASP A 114 1.60 -1.29 -20.85
N LEU A 115 2.79 -0.88 -20.42
CA LEU A 115 2.97 0.33 -19.61
C LEU A 115 3.13 1.59 -20.47
N PHE A 116 3.23 1.41 -21.78
CA PHE A 116 3.57 2.52 -22.69
C PHE A 116 2.69 3.76 -22.56
N ASN A 117 1.37 3.58 -22.62
CA ASN A 117 0.47 4.72 -22.66
C ASN A 117 0.55 5.59 -21.40
N THR A 118 0.72 4.96 -20.23
CA THR A 118 0.91 5.72 -18.98
C THR A 118 2.26 6.40 -18.91
N ASN A 119 3.32 5.64 -19.20
CA ASN A 119 4.69 6.11 -18.98
C ASN A 119 5.25 7.02 -20.07
N ALA A 120 4.60 7.02 -21.24
CA ALA A 120 4.99 7.92 -22.32
C ALA A 120 4.85 9.38 -21.89
N THR A 121 3.71 9.71 -21.31
CA THR A 121 3.42 11.07 -20.84
C THR A 121 4.31 11.50 -19.67
N ILE A 122 4.64 10.55 -18.80
CA ILE A 122 5.53 10.82 -17.66
C ILE A 122 6.94 11.14 -18.16
N VAL A 123 7.44 10.30 -19.06
CA VAL A 123 8.78 10.50 -19.63
C VAL A 123 8.83 11.78 -20.48
N ALA A 124 7.80 12.01 -21.28
CA ALA A 124 7.75 13.21 -22.15
C ALA A 124 7.86 14.47 -21.32
N THR A 125 7.03 14.56 -20.28
CA THR A 125 7.03 15.71 -19.36
C THR A 125 8.38 15.90 -18.68
N LEU A 126 8.91 14.83 -18.09
CA LEU A 126 10.15 14.92 -17.32
C LEU A 126 11.36 15.21 -18.21
N THR A 127 11.41 14.60 -19.39
CA THR A 127 12.49 14.88 -20.33
C THR A 127 12.38 16.27 -20.98
N ALA A 128 11.15 16.78 -21.14
CA ALA A 128 10.98 18.18 -21.57
C ALA A 128 11.56 19.14 -20.53
N ALA A 129 11.38 18.81 -19.25
CA ALA A 129 11.96 19.62 -18.18
C ALA A 129 13.47 19.59 -18.21
N CYS A 130 14.04 18.41 -18.45
CA CYS A 130 15.49 18.25 -18.58
C CYS A 130 16.03 19.02 -19.79
N ALA A 131 15.32 18.93 -20.92
CA ALA A 131 15.69 19.67 -22.13
C ALA A 131 15.77 21.18 -21.88
N GLN A 132 14.80 21.69 -21.12
CA GLN A 132 14.79 23.11 -20.73
C GLN A 132 15.88 23.49 -19.73
N HIS A 133 16.02 22.74 -18.64
CA HIS A 133 16.77 23.21 -17.47
C HIS A 133 18.16 22.60 -17.26
N CYS A 134 18.43 21.45 -17.86
CA CYS A 134 19.77 20.85 -17.80
C CYS A 134 20.09 20.08 -19.10
N PRO A 135 19.99 20.77 -20.26
CA PRO A 135 20.16 20.15 -21.58
C PRO A 135 21.52 19.47 -21.81
N GLU A 136 22.56 19.96 -21.12
CA GLU A 136 23.91 19.44 -21.24
C GLU A 136 24.18 18.23 -20.35
N ALA A 137 23.22 17.87 -19.49
CA ALA A 137 23.40 16.74 -18.56
C ALA A 137 23.23 15.39 -19.25
N MET A 138 23.77 14.34 -18.61
CA MET A 138 23.57 12.97 -19.08
C MET A 138 22.18 12.55 -18.61
N ILE A 139 21.36 12.08 -19.54
CA ILE A 139 19.98 11.69 -19.24
C ILE A 139 19.87 10.17 -19.25
N CYS A 140 19.59 9.60 -18.08
CA CYS A 140 19.54 8.16 -17.91
C CYS A 140 18.10 7.71 -17.66
N VAL A 141 17.48 7.11 -18.67
CA VAL A 141 16.08 6.74 -18.58
C VAL A 141 15.94 5.30 -18.14
N ILE A 142 15.36 5.10 -16.95
CA ILE A 142 15.08 3.78 -16.43
C ILE A 142 13.66 3.37 -16.81
N ALA A 143 12.74 4.34 -16.78
CA ALA A 143 11.32 4.09 -17.04
C ALA A 143 11.07 3.22 -18.27
N ASN A 144 10.17 2.24 -18.14
CA ASN A 144 9.83 1.33 -19.23
C ASN A 144 8.59 1.79 -19.99
N PRO A 145 8.39 1.29 -21.22
CA PRO A 145 9.30 0.41 -21.95
C PRO A 145 10.46 1.19 -22.58
N VAL A 146 11.69 0.85 -22.17
CA VAL A 146 12.91 1.55 -22.60
C VAL A 146 13.05 1.59 -24.13
N ASN A 147 12.70 0.50 -24.80
CA ASN A 147 12.74 0.43 -26.26
C ASN A 147 11.88 1.51 -26.96
N SER A 148 10.92 2.08 -26.23
CA SER A 148 10.10 3.18 -26.74
C SER A 148 10.34 4.52 -26.02
N THR A 149 10.74 4.50 -24.75
CA THR A 149 10.86 5.75 -23.99
C THR A 149 12.13 6.52 -24.34
N ILE A 150 13.14 5.84 -24.86
CA ILE A 150 14.35 6.53 -25.35
C ILE A 150 14.05 7.30 -26.64
N PRO A 151 13.36 6.66 -27.60
CA PRO A 151 12.91 7.44 -28.75
C PRO A 151 12.07 8.67 -28.36
N ILE A 152 11.16 8.50 -27.39
CA ILE A 152 10.41 9.64 -26.84
C ILE A 152 11.36 10.72 -26.36
N THR A 153 12.29 10.33 -25.50
CA THR A 153 13.28 11.27 -24.95
C THR A 153 13.98 12.02 -26.06
N ALA A 154 14.48 11.28 -27.06
CA ALA A 154 15.22 11.87 -28.17
C ALA A 154 14.37 12.87 -28.96
N GLU A 155 13.14 12.49 -29.27
CA GLU A 155 12.24 13.38 -30.00
C GLU A 155 11.88 14.64 -29.20
N VAL A 156 11.75 14.51 -27.88
CA VAL A 156 11.51 15.67 -27.02
C VAL A 156 12.71 16.62 -27.02
N PHE A 157 13.92 16.08 -26.96
CA PHE A 157 15.11 16.93 -27.02
C PHE A 157 15.24 17.65 -28.37
N LYS A 158 14.87 16.96 -29.45
CA LYS A 158 14.88 17.56 -30.80
C LYS A 158 13.93 18.75 -30.89
N LYS A 159 12.68 18.54 -30.45
CA LYS A 159 11.67 19.60 -30.38
C LYS A 159 12.22 20.85 -29.68
N HIS A 160 13.04 20.65 -28.65
CA HIS A 160 13.63 21.76 -27.90
C HIS A 160 14.96 22.26 -28.47
N GLY A 161 15.45 21.63 -29.53
CA GLY A 161 16.69 22.03 -30.18
C GLY A 161 17.96 21.80 -29.38
N VAL A 162 17.99 20.78 -28.53
CA VAL A 162 19.17 20.49 -27.71
C VAL A 162 19.54 19.00 -27.71
N TYR A 163 19.13 18.29 -28.76
CA TYR A 163 19.37 16.86 -28.85
C TYR A 163 20.83 16.53 -29.08
N ASN A 164 21.46 15.92 -28.07
CA ASN A 164 22.81 15.36 -28.19
C ASN A 164 22.74 13.86 -28.00
N PRO A 165 22.79 13.08 -29.11
CA PRO A 165 22.67 11.62 -29.01
C PRO A 165 23.73 10.92 -28.15
N ASN A 166 24.84 11.60 -27.85
CA ASN A 166 25.89 11.03 -26.99
C ASN A 166 25.63 11.13 -25.49
N LYS A 167 24.52 11.76 -25.11
CA LYS A 167 24.18 11.96 -23.69
C LYS A 167 22.81 11.41 -23.28
N ILE A 168 22.16 10.64 -24.15
CA ILE A 168 20.86 10.05 -23.83
C ILE A 168 20.98 8.54 -23.77
N PHE A 169 20.70 7.98 -22.58
CA PHE A 169 20.99 6.59 -22.28
C PHE A 169 19.75 5.85 -21.78
N GLY A 170 19.34 4.82 -22.50
CA GLY A 170 18.35 3.85 -21.99
C GLY A 170 19.09 2.83 -21.14
N VAL A 171 18.78 2.80 -19.85
CA VAL A 171 19.57 2.02 -18.90
C VAL A 171 19.18 0.56 -19.03
N THR A 172 20.08 -0.21 -19.63
CA THR A 172 19.90 -1.66 -19.79
C THR A 172 20.82 -2.43 -18.84
N THR A 173 21.49 -1.71 -17.94
CA THR A 173 22.56 -2.25 -17.11
C THR A 173 22.15 -3.45 -16.29
N LEU A 174 20.90 -3.48 -15.83
CA LEU A 174 20.41 -4.62 -15.05
C LEU A 174 20.49 -5.95 -15.81
N ASP A 175 20.23 -5.93 -17.14
CA ASP A 175 20.39 -7.14 -17.97
C ASP A 175 21.82 -7.66 -17.93
N ILE A 176 22.80 -6.74 -17.98
CA ILE A 176 24.22 -7.14 -17.93
C ILE A 176 24.54 -7.73 -16.54
N VAL A 177 24.08 -7.04 -15.50
CA VAL A 177 24.25 -7.49 -14.12
C VAL A 177 23.66 -8.90 -13.91
N ARG A 178 22.45 -9.13 -14.43
CA ARG A 178 21.83 -10.46 -14.37
C ARG A 178 22.67 -11.50 -15.13
N ALA A 179 23.09 -11.15 -16.34
CA ALA A 179 23.90 -12.07 -17.14
C ALA A 179 25.21 -12.43 -16.43
N ASN A 180 25.86 -11.44 -15.80
CA ASN A 180 27.09 -11.71 -15.06
C ASN A 180 26.84 -12.68 -13.91
N THR A 181 25.76 -12.43 -13.19
CA THR A 181 25.40 -13.25 -12.05
C THR A 181 25.07 -14.68 -12.48
N PHE A 182 24.24 -14.83 -13.52
CA PHE A 182 23.80 -16.17 -13.93
C PHE A 182 24.94 -16.99 -14.52
N VAL A 183 25.81 -16.36 -15.30
CA VAL A 183 27.01 -17.02 -15.82
C VAL A 183 27.92 -17.45 -14.67
N ALA A 184 28.07 -16.58 -13.67
CA ALA A 184 28.95 -16.87 -12.54
C ALA A 184 28.42 -18.02 -11.68
N GLU A 185 27.11 -18.10 -11.54
CA GLU A 185 26.47 -19.18 -10.79
C GLU A 185 26.62 -20.54 -11.49
N LEU A 186 26.47 -20.55 -12.81
CA LEU A 186 26.67 -21.79 -13.58
C LEU A 186 28.12 -22.28 -13.56
N LYS A 187 29.07 -21.36 -13.77
CA LYS A 187 30.49 -21.74 -13.85
C LYS A 187 31.22 -21.78 -12.51
N GLY A 188 30.58 -21.32 -11.44
CA GLY A 188 31.22 -21.25 -10.13
C GLY A 188 32.31 -20.21 -10.07
N LEU A 189 32.02 -19.02 -10.61
CA LEU A 189 32.99 -17.91 -10.67
C LEU A 189 32.60 -16.77 -9.73
N ASP A 190 33.53 -15.87 -9.51
CA ASP A 190 33.28 -14.62 -8.81
C ASP A 190 32.56 -13.68 -9.78
N PRO A 191 31.30 -13.30 -9.49
CA PRO A 191 30.58 -12.45 -10.46
C PRO A 191 31.19 -11.05 -10.63
N ALA A 192 32.01 -10.63 -9.68
CA ALA A 192 32.79 -9.39 -9.82
C ALA A 192 33.80 -9.47 -10.97
N ARG A 193 34.20 -10.69 -11.35
CA ARG A 193 35.17 -10.90 -12.42
C ARG A 193 34.54 -11.33 -13.73
N VAL A 194 33.22 -11.29 -13.82
CA VAL A 194 32.52 -11.66 -15.04
C VAL A 194 31.95 -10.41 -15.72
N ASN A 195 32.08 -10.37 -17.05
CA ASN A 195 31.49 -9.32 -17.85
C ASN A 195 30.89 -9.90 -19.13
N VAL A 196 29.56 -9.88 -19.22
CA VAL A 196 28.84 -10.33 -20.40
C VAL A 196 28.26 -9.10 -21.10
N PRO A 197 28.71 -8.83 -22.34
CA PRO A 197 28.00 -7.85 -23.15
C PRO A 197 26.58 -8.34 -23.48
N VAL A 198 25.62 -7.45 -23.34
CA VAL A 198 24.23 -7.72 -23.69
C VAL A 198 23.80 -6.61 -24.63
N ILE A 199 23.25 -6.99 -25.79
CA ILE A 199 22.96 -6.02 -26.84
C ILE A 199 21.49 -6.09 -27.24
N GLY A 200 21.10 -5.21 -28.16
CA GLY A 200 19.72 -5.15 -28.67
C GLY A 200 18.88 -4.12 -27.92
N GLY A 201 17.94 -4.61 -27.11
CA GLY A 201 17.08 -3.74 -26.32
C GLY A 201 16.73 -4.35 -24.97
N HIS A 202 15.69 -3.78 -24.35
CA HIS A 202 15.27 -4.19 -23.02
C HIS A 202 13.82 -4.67 -23.00
N ALA A 203 13.57 -5.81 -23.64
CA ALA A 203 12.28 -6.51 -23.56
C ALA A 203 12.38 -7.88 -24.25
N GLY A 204 11.98 -8.93 -23.53
CA GLY A 204 11.92 -10.29 -24.07
C GLY A 204 13.06 -10.68 -24.99
N LYS A 205 12.71 -11.02 -26.23
CA LYS A 205 13.69 -11.51 -27.21
C LYS A 205 14.59 -10.40 -27.79
N THR A 206 14.36 -9.14 -27.43
CA THR A 206 15.28 -8.07 -27.83
C THR A 206 16.53 -8.03 -26.95
N ILE A 207 16.44 -8.65 -25.78
CA ILE A 207 17.59 -8.76 -24.87
C ILE A 207 18.48 -9.88 -25.39
N ILE A 208 19.67 -9.53 -25.86
CA ILE A 208 20.56 -10.49 -26.51
C ILE A 208 21.89 -10.57 -25.77
N PRO A 209 22.03 -11.57 -24.88
CA PRO A 209 23.32 -11.74 -24.21
C PRO A 209 24.35 -12.38 -25.14
N LEU A 210 25.50 -11.74 -25.29
CA LEU A 210 26.58 -12.24 -26.12
C LEU A 210 27.53 -13.07 -25.26
N ILE A 211 27.10 -14.28 -24.94
CA ILE A 211 27.90 -15.19 -24.11
C ILE A 211 29.24 -15.55 -24.78
N SER A 212 29.27 -15.53 -26.11
CA SER A 212 30.53 -15.79 -26.84
C SER A 212 31.59 -14.70 -26.63
N GLN A 213 31.16 -13.52 -26.16
CA GLN A 213 32.09 -12.42 -25.88
C GLN A 213 32.35 -12.24 -24.39
N CYS A 214 31.80 -13.13 -23.57
CA CYS A 214 32.00 -13.06 -22.13
C CYS A 214 33.48 -13.12 -21.76
N THR A 215 33.87 -12.34 -20.76
CA THR A 215 35.19 -12.46 -20.16
C THR A 215 34.98 -12.84 -18.69
N PRO A 216 35.62 -13.91 -18.23
CA PRO A 216 36.50 -14.82 -18.99
C PRO A 216 35.68 -15.62 -19.99
N LYS A 217 36.35 -16.17 -21.00
CA LYS A 217 35.65 -16.97 -21.98
C LYS A 217 35.06 -18.18 -21.28
N VAL A 218 33.77 -18.43 -21.52
CA VAL A 218 33.10 -19.58 -20.95
C VAL A 218 32.53 -20.42 -22.08
N ASP A 219 32.70 -21.73 -21.96
CA ASP A 219 32.13 -22.68 -22.90
C ASP A 219 31.03 -23.41 -22.17
N PHE A 220 29.83 -23.36 -22.75
CA PHE A 220 28.64 -23.95 -22.16
C PHE A 220 28.08 -25.02 -23.09
N PRO A 221 27.70 -26.18 -22.54
CA PRO A 221 26.90 -27.08 -23.37
C PRO A 221 25.62 -26.38 -23.83
N GLN A 222 25.15 -26.74 -25.02
CA GLN A 222 24.04 -26.04 -25.66
C GLN A 222 22.77 -25.94 -24.81
N ASP A 223 22.41 -27.01 -24.10
CA ASP A 223 21.19 -27.01 -23.31
C ASP A 223 21.26 -26.01 -22.15
N GLN A 224 22.45 -25.85 -21.57
CA GLN A 224 22.68 -24.84 -20.55
C GLN A 224 22.72 -23.43 -21.16
N LEU A 225 23.36 -23.30 -22.32
CA LEU A 225 23.45 -22.00 -22.99
C LEU A 225 22.06 -21.45 -23.33
N THR A 226 21.19 -22.31 -23.84
CA THR A 226 19.83 -21.92 -24.23
C THR A 226 18.99 -21.53 -23.01
N ALA A 227 19.08 -22.32 -21.94
CA ALA A 227 18.37 -22.03 -20.69
C ALA A 227 18.92 -20.76 -20.00
N LEU A 228 20.23 -20.56 -20.10
CA LEU A 228 20.88 -19.34 -19.61
C LEU A 228 20.39 -18.12 -20.36
N THR A 229 20.47 -18.16 -21.68
CA THR A 229 19.99 -17.07 -22.52
C THR A 229 18.55 -16.71 -22.19
N GLY A 230 17.68 -17.72 -22.14
CA GLY A 230 16.27 -17.52 -21.80
C GLY A 230 16.06 -16.95 -20.40
N ARG A 231 16.83 -17.44 -19.44
CA ARG A 231 16.78 -16.92 -18.08
C ARG A 231 17.07 -15.40 -18.05
N ILE A 232 18.11 -15.00 -18.78
CA ILE A 232 18.49 -13.58 -18.84
C ILE A 232 17.36 -12.75 -19.44
N GLN A 233 16.77 -13.24 -20.52
CA GLN A 233 15.65 -12.56 -21.18
C GLN A 233 14.37 -12.46 -20.35
N GLU A 234 14.06 -13.50 -19.56
CA GLU A 234 12.82 -13.53 -18.75
C GLU A 234 13.02 -13.05 -17.31
N ALA A 235 14.22 -12.60 -16.97
CA ALA A 235 14.59 -12.31 -15.57
C ALA A 235 13.67 -11.29 -14.91
N GLY A 236 13.33 -10.24 -15.66
CA GLY A 236 12.41 -9.23 -15.18
C GLY A 236 11.05 -9.82 -14.84
N THR A 237 10.54 -10.65 -15.75
CA THR A 237 9.24 -11.30 -15.56
C THR A 237 9.29 -12.29 -14.40
N GLU A 238 10.43 -12.96 -14.23
CA GLU A 238 10.69 -13.83 -13.09
C GLU A 238 10.52 -13.07 -11.77
N VAL A 239 11.06 -11.86 -11.70
CA VAL A 239 10.97 -11.07 -10.46
C VAL A 239 9.53 -10.56 -10.23
N VAL A 240 8.89 -10.11 -11.30
CA VAL A 240 7.48 -9.70 -11.23
C VAL A 240 6.59 -10.85 -10.72
N LYS A 241 6.76 -12.04 -11.29
CA LYS A 241 6.06 -13.23 -10.81
C LYS A 241 6.28 -13.43 -9.32
N ALA A 242 7.55 -13.43 -8.91
CA ALA A 242 7.91 -13.69 -7.51
C ALA A 242 7.36 -12.64 -6.53
N LYS A 243 7.17 -11.40 -7.00
CA LYS A 243 6.59 -10.34 -6.17
C LYS A 243 5.05 -10.38 -6.14
N ALA A 244 4.45 -11.22 -6.98
CA ALA A 244 3.01 -11.52 -6.91
C ALA A 244 2.11 -10.30 -6.78
N GLY A 245 2.37 -9.28 -7.60
CA GLY A 245 1.55 -8.06 -7.63
C GLY A 245 2.10 -6.86 -6.89
N ALA A 246 3.18 -7.05 -6.13
CA ALA A 246 3.78 -5.96 -5.35
C ALA A 246 4.93 -5.23 -6.08
N GLY A 247 4.91 -5.27 -7.42
CA GLY A 247 5.83 -4.47 -8.23
C GLY A 247 6.86 -5.29 -9.00
N SER A 248 7.94 -4.63 -9.39
CA SER A 248 8.99 -5.24 -10.19
C SER A 248 10.33 -5.06 -9.48
N ALA A 249 11.42 -5.48 -10.11
CA ALA A 249 12.77 -5.33 -9.57
C ALA A 249 13.03 -3.89 -9.14
N THR A 250 13.33 -3.71 -7.86
CA THR A 250 13.60 -2.39 -7.29
C THR A 250 15.04 -2.27 -6.78
N LEU A 251 15.47 -3.25 -5.99
CA LEU A 251 16.77 -3.21 -5.33
C LEU A 251 17.91 -3.48 -6.32
N SER A 252 17.74 -4.49 -7.18
CA SER A 252 18.75 -4.77 -8.19
C SER A 252 18.80 -3.68 -9.27
N MET A 253 17.67 -3.03 -9.53
CA MET A 253 17.62 -1.94 -10.50
C MET A 253 18.26 -0.69 -9.89
N ALA A 254 18.09 -0.51 -8.58
CA ALA A 254 18.83 0.54 -7.89
C ALA A 254 20.33 0.31 -7.99
N TYR A 255 20.75 -0.93 -7.79
CA TYR A 255 22.17 -1.26 -7.91
C TYR A 255 22.66 -0.99 -9.33
N ALA A 256 21.91 -1.43 -10.32
CA ALA A 256 22.31 -1.31 -11.71
C ALA A 256 22.35 0.14 -12.18
N GLY A 257 21.34 0.92 -11.79
CA GLY A 257 21.26 2.34 -12.16
C GLY A 257 22.38 3.15 -11.53
N ALA A 258 22.69 2.84 -10.27
CA ALA A 258 23.80 3.46 -9.59
C ALA A 258 25.11 3.14 -10.29
N ARG A 259 25.31 1.87 -10.63
CA ARG A 259 26.51 1.46 -11.33
C ARG A 259 26.68 2.25 -12.62
N PHE A 260 25.60 2.38 -13.37
CA PHE A 260 25.65 3.14 -14.62
C PHE A 260 26.02 4.60 -14.38
N VAL A 261 25.42 5.21 -13.36
CA VAL A 261 25.73 6.60 -13.03
C VAL A 261 27.21 6.73 -12.68
N PHE A 262 27.73 5.81 -11.88
CA PHE A 262 29.12 5.84 -11.46
C PHE A 262 30.09 5.69 -12.64
N SER A 263 29.76 4.82 -13.59
CA SER A 263 30.57 4.67 -14.80
C SER A 263 30.58 5.99 -15.58
N LEU A 264 29.41 6.62 -15.65
CA LEU A 264 29.24 7.88 -16.37
C LEU A 264 30.08 8.97 -15.72
N VAL A 265 30.07 9.02 -14.38
CA VAL A 265 30.80 10.05 -13.65
C VAL A 265 32.32 9.82 -13.68
N ASP A 266 32.75 8.56 -13.56
CA ASP A 266 34.16 8.21 -13.77
C ASP A 266 34.67 8.74 -15.12
N ALA A 267 33.93 8.43 -16.18
CA ALA A 267 34.28 8.87 -17.53
C ALA A 267 34.27 10.40 -17.66
N MET A 268 33.35 11.05 -16.95
CA MET A 268 33.31 12.50 -16.91
C MET A 268 34.52 13.07 -16.18
N ASN A 269 35.01 12.36 -15.16
CA ASN A 269 36.24 12.76 -14.46
C ASN A 269 37.53 12.33 -15.16
N GLY A 270 37.42 11.81 -16.38
CA GLY A 270 38.60 11.52 -17.21
C GLY A 270 39.16 10.11 -17.10
N LYS A 271 38.47 9.22 -16.39
CA LYS A 271 38.89 7.83 -16.33
C LYS A 271 38.77 7.16 -17.71
N GLU A 272 39.75 6.34 -18.05
CA GLU A 272 39.83 5.70 -19.36
C GLU A 272 39.39 4.26 -19.29
N GLY A 273 38.92 3.74 -20.43
CA GLY A 273 38.54 2.33 -20.55
C GLY A 273 37.21 1.97 -19.89
N VAL A 274 36.37 2.97 -19.63
CA VAL A 274 35.06 2.74 -19.02
C VAL A 274 34.07 2.35 -20.12
N VAL A 275 33.63 1.10 -20.07
CA VAL A 275 32.68 0.56 -21.05
C VAL A 275 31.39 0.13 -20.36
N GLU A 276 30.26 0.61 -20.87
CA GLU A 276 28.94 0.15 -20.44
C GLU A 276 28.05 -0.03 -21.67
N CYS A 277 27.26 -1.12 -21.66
CA CYS A 277 26.19 -1.30 -22.63
C CYS A 277 25.03 -0.36 -22.28
N SER A 278 24.37 0.19 -23.30
CA SER A 278 23.21 1.07 -23.10
C SER A 278 22.44 1.25 -24.40
N PHE A 279 21.11 1.33 -24.30
CA PHE A 279 20.22 1.56 -25.44
C PHE A 279 20.29 3.04 -25.84
N VAL A 280 20.92 3.31 -26.99
CA VAL A 280 21.24 4.66 -27.44
C VAL A 280 20.93 4.85 -28.92
N LYS A 281 21.03 6.09 -29.40
CA LYS A 281 21.00 6.35 -30.85
C LYS A 281 22.13 5.56 -31.48
N SER A 282 21.83 4.80 -32.53
CA SER A 282 22.77 3.81 -33.08
C SER A 282 22.63 3.62 -34.60
N GLN A 283 23.76 3.46 -35.28
CA GLN A 283 23.80 3.13 -36.71
C GLN A 283 24.51 1.79 -36.91
N GLU A 284 24.25 0.85 -35.99
CA GLU A 284 24.92 -0.46 -35.96
C GLU A 284 24.08 -1.53 -36.66
N THR A 285 22.76 -1.44 -36.52
CA THR A 285 21.81 -2.23 -37.30
C THR A 285 20.91 -1.23 -38.04
N GLU A 286 19.86 -1.74 -38.68
CA GLU A 286 18.86 -0.88 -39.29
C GLU A 286 17.97 -0.15 -38.26
N CYS A 287 17.95 -0.65 -37.02
CA CYS A 287 17.24 0.03 -35.93
C CYS A 287 17.94 1.34 -35.58
N THR A 288 17.19 2.43 -35.52
CA THR A 288 17.75 3.75 -35.23
C THR A 288 18.19 3.89 -33.76
N TYR A 289 17.66 3.04 -32.89
CA TYR A 289 18.16 2.92 -31.51
C TYR A 289 18.46 1.45 -31.21
N PHE A 290 19.51 1.22 -30.41
CA PHE A 290 20.07 -0.12 -30.23
C PHE A 290 21.10 -0.09 -29.10
N SER A 291 21.19 -1.19 -28.34
CA SER A 291 22.13 -1.30 -27.24
C SER A 291 23.39 -2.07 -27.66
N THR A 292 24.55 -1.45 -27.47
CA THR A 292 25.86 -2.08 -27.67
C THR A 292 26.83 -1.57 -26.61
N PRO A 293 27.97 -2.26 -26.40
CA PRO A 293 29.00 -1.70 -25.52
C PRO A 293 29.44 -0.33 -26.00
N LEU A 294 29.52 0.63 -25.08
CA LEU A 294 29.89 2.00 -25.41
C LEU A 294 31.08 2.41 -24.57
N LEU A 295 32.13 2.90 -25.24
CA LEU A 295 33.22 3.55 -24.54
C LEU A 295 32.70 4.93 -24.14
N LEU A 296 32.76 5.21 -22.84
CA LEU A 296 32.32 6.50 -22.32
C LEU A 296 33.52 7.42 -22.11
N GLY A 297 33.32 8.71 -22.33
CA GLY A 297 34.35 9.70 -22.11
C GLY A 297 33.80 10.94 -21.43
N LYS A 298 34.53 12.04 -21.54
CA LYS A 298 34.16 13.27 -20.88
C LYS A 298 32.84 13.87 -21.37
N LYS A 299 32.46 13.59 -22.61
CA LYS A 299 31.22 14.14 -23.18
C LYS A 299 30.14 13.08 -23.42
N GLY A 300 30.18 12.01 -22.63
CA GLY A 300 29.22 10.92 -22.77
C GLY A 300 29.81 9.81 -23.60
N ILE A 301 29.09 9.39 -24.65
CA ILE A 301 29.59 8.38 -25.56
C ILE A 301 30.86 8.90 -26.26
N GLU A 302 32.00 8.28 -25.95
CA GLU A 302 33.25 8.55 -26.67
C GLU A 302 33.23 7.78 -28.01
N LYS A 303 32.70 6.55 -27.99
CA LYS A 303 32.73 5.69 -29.15
C LYS A 303 31.78 4.50 -28.97
N ASN A 304 30.89 4.28 -29.93
CA ASN A 304 30.11 3.05 -29.95
C ASN A 304 31.00 1.91 -30.44
N LEU A 305 31.23 0.91 -29.58
CA LEU A 305 32.10 -0.24 -29.92
C LEU A 305 31.43 -1.29 -30.82
N GLY A 306 30.14 -1.15 -31.08
CA GLY A 306 29.46 -1.97 -32.07
C GLY A 306 29.11 -3.36 -31.57
N ILE A 307 28.61 -4.19 -32.49
CA ILE A 307 28.24 -5.56 -32.16
C ILE A 307 29.47 -6.46 -32.01
N GLY A 308 30.48 -6.25 -32.85
CA GLY A 308 31.67 -7.11 -32.86
C GLY A 308 31.37 -8.47 -33.46
N LYS A 309 32.25 -9.43 -33.23
CA LYS A 309 32.07 -10.78 -33.74
C LYS A 309 31.16 -11.60 -32.83
N VAL A 310 30.12 -12.18 -33.42
CA VAL A 310 29.16 -13.00 -32.68
C VAL A 310 29.03 -14.38 -33.32
N SER A 311 28.33 -15.28 -32.61
CA SER A 311 28.05 -16.63 -33.10
C SER A 311 26.76 -16.64 -33.91
N SER A 312 26.52 -17.76 -34.61
CA SER A 312 25.31 -17.95 -35.42
C SER A 312 24.05 -17.85 -34.58
N PHE A 313 24.04 -18.57 -33.46
CA PHE A 313 22.97 -18.53 -32.48
C PHE A 313 22.67 -17.07 -32.09
N GLU A 314 23.73 -16.28 -31.89
CA GLU A 314 23.58 -14.87 -31.51
C GLU A 314 23.11 -14.02 -32.69
N GLU A 315 23.70 -14.25 -33.86
CA GLU A 315 23.28 -13.55 -35.08
C GLU A 315 21.78 -13.74 -35.34
N LYS A 316 21.29 -14.96 -35.15
CA LYS A 316 19.86 -15.24 -35.28
C LYS A 316 19.00 -14.46 -34.27
N MET A 317 19.48 -14.32 -33.03
CA MET A 317 18.75 -13.53 -32.03
C MET A 317 18.67 -12.05 -32.41
N ILE A 318 19.71 -11.53 -33.04
CA ILE A 318 19.71 -10.16 -33.54
C ILE A 318 18.68 -10.01 -34.67
N SER A 319 18.65 -10.99 -35.58
CA SER A 319 17.70 -11.01 -36.69
C SER A 319 16.25 -11.03 -36.18
N ASP A 320 15.97 -11.93 -35.24
CA ASP A 320 14.63 -12.03 -34.66
C ASP A 320 14.21 -10.79 -33.87
N ALA A 321 15.18 -10.09 -33.30
CA ALA A 321 14.90 -8.93 -32.44
C ALA A 321 14.50 -7.67 -33.21
N ILE A 322 15.06 -7.51 -34.42
CA ILE A 322 14.94 -6.25 -35.17
C ILE A 322 13.50 -5.78 -35.44
N PRO A 323 12.61 -6.69 -35.91
CA PRO A 323 11.22 -6.26 -36.14
C PRO A 323 10.53 -5.67 -34.90
N GLU A 324 10.73 -6.31 -33.74
CA GLU A 324 10.14 -5.80 -32.50
C GLU A 324 10.74 -4.47 -32.08
N LEU A 325 12.05 -4.29 -32.29
CA LEU A 325 12.71 -3.04 -31.92
C LEU A 325 12.20 -1.88 -32.77
N LYS A 326 12.19 -2.06 -34.08
CA LYS A 326 11.67 -1.04 -34.99
C LYS A 326 10.22 -0.65 -34.65
N ALA A 327 9.40 -1.63 -34.26
CA ALA A 327 8.01 -1.37 -33.88
C ALA A 327 7.90 -0.58 -32.57
N SER A 328 8.70 -0.95 -31.57
CA SER A 328 8.75 -0.20 -30.31
C SER A 328 9.31 1.20 -30.51
N ILE A 329 10.25 1.34 -31.43
CA ILE A 329 10.85 2.65 -31.74
C ILE A 329 9.82 3.58 -32.38
N LYS A 330 9.11 3.08 -33.39
CA LYS A 330 8.14 3.89 -34.12
C LYS A 330 7.00 4.33 -33.19
N LYS A 331 6.52 3.37 -32.40
CA LYS A 331 5.54 3.61 -31.36
C LYS A 331 5.92 4.83 -30.51
N GLY A 332 7.19 4.91 -30.12
CA GLY A 332 7.69 6.03 -29.33
C GLY A 332 7.77 7.33 -30.12
N GLU A 333 8.31 7.26 -31.32
CA GLU A 333 8.37 8.40 -32.22
C GLU A 333 6.98 8.95 -32.55
N ASP A 334 6.05 8.05 -32.86
CA ASP A 334 4.70 8.46 -33.23
C ASP A 334 4.02 9.21 -32.10
N PHE A 335 4.13 8.69 -30.88
CA PHE A 335 3.57 9.34 -29.69
C PHE A 335 3.92 10.82 -29.61
N VAL A 336 5.19 11.15 -29.86
CA VAL A 336 5.67 12.53 -29.75
C VAL A 336 5.19 13.41 -30.91
N LYS A 337 5.07 12.82 -32.10
CA LYS A 337 4.60 13.56 -33.28
C LYS A 337 3.10 13.88 -33.22
N THR A 338 2.38 13.21 -32.33
CA THR A 338 0.96 13.48 -32.11
C THR A 338 0.74 14.32 -30.83
N LEU A 339 1.59 15.33 -30.63
CA LEU A 339 1.44 16.28 -29.52
C LEU A 339 1.48 17.69 -30.04
N ASN B 26 33.42 -14.10 4.68
CA ASN B 26 33.02 -15.47 5.09
C ASN B 26 31.82 -15.53 6.05
N ALA B 27 31.03 -14.44 6.10
CA ALA B 27 29.95 -14.31 7.07
C ALA B 27 28.57 -14.60 6.46
N LYS B 28 27.77 -15.37 7.20
CA LYS B 28 26.38 -15.62 6.84
C LYS B 28 25.49 -14.75 7.72
N VAL B 29 24.74 -13.85 7.09
CA VAL B 29 23.91 -12.88 7.80
C VAL B 29 22.44 -13.13 7.51
N ALA B 30 21.61 -13.05 8.55
CA ALA B 30 20.17 -13.15 8.40
C ALA B 30 19.57 -11.78 8.66
N VAL B 31 18.59 -11.41 7.83
CA VAL B 31 17.80 -10.21 8.06
C VAL B 31 16.36 -10.64 8.37
N LEU B 32 15.90 -10.33 9.58
CA LEU B 32 14.55 -10.68 10.01
C LEU B 32 13.69 -9.43 9.95
N GLY B 33 12.72 -9.45 9.03
CA GLY B 33 11.96 -8.25 8.65
C GLY B 33 12.47 -7.66 7.35
N ALA B 34 12.99 -8.51 6.47
CA ALA B 34 13.71 -8.07 5.28
C ALA B 34 12.85 -7.36 4.22
N SER B 35 11.53 -7.50 4.31
CA SER B 35 10.63 -6.89 3.32
C SER B 35 10.20 -5.47 3.69
N GLY B 36 10.66 -4.98 4.85
CA GLY B 36 10.24 -3.67 5.34
C GLY B 36 10.98 -2.48 4.76
N GLY B 37 10.57 -1.29 5.20
CA GLY B 37 11.18 -0.04 4.77
C GLY B 37 12.67 -0.03 5.01
N ILE B 38 13.10 -0.48 6.19
CA ILE B 38 14.51 -0.59 6.51
C ILE B 38 15.08 -1.86 5.92
N GLY B 39 14.34 -2.96 6.08
CA GLY B 39 14.80 -4.29 5.68
C GLY B 39 15.32 -4.39 4.26
N GLN B 40 14.62 -3.79 3.32
CA GLN B 40 14.97 -3.92 1.90
C GLN B 40 16.26 -3.19 1.53
N PRO B 41 16.37 -1.88 1.86
CA PRO B 41 17.64 -1.20 1.61
C PRO B 41 18.81 -1.75 2.43
N LEU B 42 18.55 -2.21 3.65
CA LEU B 42 19.57 -2.88 4.46
C LEU B 42 20.09 -4.15 3.79
N SER B 43 19.17 -4.99 3.34
CA SER B 43 19.52 -6.24 2.66
C SER B 43 20.28 -5.97 1.36
N LEU B 44 19.93 -4.89 0.70
CA LEU B 44 20.64 -4.42 -0.49
C LEU B 44 22.09 -4.07 -0.13
N LEU B 45 22.28 -3.27 0.91
CA LEU B 45 23.63 -2.87 1.31
C LEU B 45 24.49 -4.07 1.72
N LEU B 46 23.87 -5.03 2.41
CA LEU B 46 24.56 -6.26 2.78
C LEU B 46 24.91 -7.09 1.55
N LYS B 47 23.97 -7.18 0.61
CA LYS B 47 24.20 -7.91 -0.62
C LYS B 47 25.40 -7.32 -1.40
N ASN B 48 25.57 -6.01 -1.32
CA ASN B 48 26.67 -5.33 -2.04
C ASN B 48 28.05 -5.50 -1.39
N SER B 49 28.08 -6.02 -0.16
CA SER B 49 29.32 -6.07 0.60
C SER B 49 30.06 -7.40 0.41
N PRO B 50 31.36 -7.32 0.07
CA PRO B 50 32.17 -8.53 -0.03
C PRO B 50 32.47 -9.18 1.33
N LEU B 51 32.02 -8.57 2.43
CA LEU B 51 32.11 -9.19 3.76
C LEU B 51 31.09 -10.31 3.93
N VAL B 52 29.98 -10.23 3.19
CA VAL B 52 28.86 -11.20 3.30
C VAL B 52 28.94 -12.26 2.20
N SER B 53 29.02 -13.53 2.59
CA SER B 53 29.07 -14.63 1.62
C SER B 53 27.72 -15.34 1.47
N ARG B 54 26.87 -15.23 2.49
CA ARG B 54 25.51 -15.78 2.44
C ARG B 54 24.56 -14.80 3.12
N LEU B 55 23.45 -14.51 2.45
CA LEU B 55 22.43 -13.59 2.97
C LEU B 55 21.08 -14.28 2.97
N THR B 56 20.51 -14.50 4.15
CA THR B 56 19.20 -15.14 4.27
C THR B 56 18.21 -14.09 4.74
N LEU B 57 17.06 -14.03 4.08
CA LEU B 57 16.09 -12.97 4.29
C LEU B 57 14.79 -13.56 4.80
N TYR B 58 14.24 -12.94 5.85
CA TYR B 58 13.03 -13.44 6.48
C TYR B 58 12.00 -12.36 6.73
N ASP B 59 10.75 -12.71 6.46
CA ASP B 59 9.61 -11.85 6.79
C ASP B 59 8.36 -12.71 6.83
N ILE B 60 7.25 -12.10 7.21
CA ILE B 60 5.94 -12.74 7.12
C ILE B 60 5.23 -12.38 5.82
N ALA B 61 5.77 -11.42 5.08
CA ALA B 61 5.23 -11.07 3.76
C ALA B 61 6.30 -10.61 2.76
N HIS B 62 6.11 -10.98 1.49
CA HIS B 62 6.88 -10.44 0.34
C HIS B 62 8.33 -10.94 0.18
N THR B 63 8.81 -11.82 1.06
CA THR B 63 10.23 -12.20 1.08
C THR B 63 10.74 -12.84 -0.20
N PRO B 64 9.95 -13.77 -0.79
CA PRO B 64 10.43 -14.44 -2.00
C PRO B 64 10.70 -13.47 -3.15
N GLY B 65 9.84 -12.46 -3.30
CA GLY B 65 10.01 -11.43 -4.31
C GLY B 65 11.24 -10.55 -4.06
N VAL B 66 11.48 -10.24 -2.80
CA VAL B 66 12.62 -9.42 -2.43
C VAL B 66 13.92 -10.20 -2.65
N ALA B 67 13.93 -11.48 -2.29
CA ALA B 67 15.10 -12.34 -2.48
C ALA B 67 15.39 -12.59 -3.97
N ALA B 68 14.34 -12.77 -4.75
CA ALA B 68 14.51 -12.94 -6.20
C ALA B 68 15.16 -11.70 -6.83
N ASP B 69 14.72 -10.52 -6.37
CA ASP B 69 15.22 -9.23 -6.84
C ASP B 69 16.71 -9.08 -6.48
N LEU B 70 17.01 -9.24 -5.20
CA LEU B 70 18.39 -9.13 -4.72
C LEU B 70 19.36 -10.17 -5.30
N SER B 71 18.86 -11.36 -5.62
CA SER B 71 19.73 -12.47 -6.09
C SER B 71 20.30 -12.25 -7.49
N HIS B 72 19.82 -11.23 -8.20
CA HIS B 72 20.32 -10.91 -9.53
C HIS B 72 21.54 -9.99 -9.50
N ILE B 73 21.84 -9.41 -8.34
CA ILE B 73 22.97 -8.50 -8.21
C ILE B 73 24.29 -9.26 -8.27
N GLU B 74 25.21 -8.71 -9.07
CA GLU B 74 26.48 -9.36 -9.42
C GLU B 74 27.55 -9.39 -8.32
N THR B 75 27.18 -9.75 -7.10
CA THR B 75 28.14 -9.94 -6.00
C THR B 75 28.07 -11.37 -5.48
N LYS B 76 29.03 -11.75 -4.65
CA LYS B 76 29.23 -13.17 -4.32
C LYS B 76 28.18 -13.75 -3.37
N ALA B 77 27.62 -12.93 -2.49
CA ALA B 77 26.68 -13.40 -1.47
C ALA B 77 25.46 -14.10 -2.08
N ALA B 78 25.27 -15.38 -1.72
CA ALA B 78 24.10 -16.13 -2.16
C ALA B 78 22.91 -15.67 -1.33
N VAL B 79 21.81 -15.34 -2.00
CA VAL B 79 20.62 -14.81 -1.36
C VAL B 79 19.50 -15.85 -1.40
N LYS B 80 18.79 -15.99 -0.29
CA LYS B 80 17.64 -16.90 -0.19
C LYS B 80 16.55 -16.25 0.66
N GLY B 81 15.29 -16.40 0.21
CA GLY B 81 14.14 -15.80 0.88
C GLY B 81 13.35 -16.85 1.65
N TYR B 82 12.81 -16.44 2.80
CA TYR B 82 12.07 -17.34 3.68
C TYR B 82 10.83 -16.63 4.18
N LEU B 83 9.69 -17.30 4.08
CA LEU B 83 8.38 -16.70 4.34
C LEU B 83 7.60 -17.46 5.42
N GLY B 84 7.24 -16.75 6.50
CA GLY B 84 6.44 -17.32 7.57
C GLY B 84 7.22 -18.24 8.51
N PRO B 85 6.73 -18.40 9.76
CA PRO B 85 7.47 -19.14 10.81
C PRO B 85 7.87 -20.59 10.50
N GLU B 86 7.25 -21.22 9.50
CA GLU B 86 7.63 -22.59 9.12
C GLU B 86 9.02 -22.61 8.45
N GLN B 87 9.39 -21.50 7.84
CA GLN B 87 10.67 -21.38 7.13
C GLN B 87 11.73 -20.62 7.92
N LEU B 88 11.37 -20.11 9.10
CA LEU B 88 12.32 -19.36 9.93
C LEU B 88 13.55 -20.19 10.37
N PRO B 89 13.35 -21.43 10.85
CA PRO B 89 14.52 -22.24 11.24
C PRO B 89 15.56 -22.45 10.13
N ASP B 90 15.09 -22.70 8.91
CA ASP B 90 15.99 -22.92 7.77
C ASP B 90 16.74 -21.64 7.40
N CYS B 91 16.13 -20.49 7.71
CA CYS B 91 16.75 -19.19 7.51
C CYS B 91 17.95 -19.00 8.46
N LEU B 92 17.76 -19.37 9.71
CA LEU B 92 18.73 -19.10 10.77
C LEU B 92 19.88 -20.12 10.88
N LYS B 93 19.73 -21.32 10.33
CA LYS B 93 20.76 -22.36 10.44
C LYS B 93 22.12 -21.90 9.88
N GLY B 94 23.14 -21.91 10.75
CA GLY B 94 24.51 -21.57 10.36
C GLY B 94 24.79 -20.07 10.32
N CYS B 95 23.92 -19.26 10.93
CA CYS B 95 24.06 -17.80 10.85
C CYS B 95 25.13 -17.26 11.81
N ASP B 96 25.98 -16.40 11.28
CA ASP B 96 27.02 -15.73 12.06
C ASP B 96 26.47 -14.47 12.72
N VAL B 97 25.57 -13.78 12.02
CA VAL B 97 24.97 -12.53 12.50
C VAL B 97 23.49 -12.47 12.10
N VAL B 98 22.65 -11.99 13.01
CA VAL B 98 21.25 -11.75 12.72
C VAL B 98 20.95 -10.29 12.99
N VAL B 99 20.33 -9.61 12.01
CA VAL B 99 19.90 -8.22 12.16
C VAL B 99 18.38 -8.23 12.16
N ILE B 100 17.77 -7.50 13.08
CA ILE B 100 16.32 -7.58 13.29
C ILE B 100 15.66 -6.20 13.17
N PRO B 101 15.38 -5.77 11.92
CA PRO B 101 14.52 -4.61 11.68
C PRO B 101 13.02 -4.92 11.75
N ALA B 102 12.65 -6.19 11.92
CA ALA B 102 11.23 -6.56 12.05
C ALA B 102 10.54 -5.75 13.16
N GLY B 103 9.47 -5.07 12.83
CA GLY B 103 8.76 -4.25 13.81
C GLY B 103 7.88 -3.22 13.15
N VAL B 104 7.13 -2.48 13.97
CA VAL B 104 6.23 -1.45 13.50
C VAL B 104 6.87 -0.08 13.77
N PRO B 105 6.94 0.77 12.74
CA PRO B 105 7.48 2.11 12.94
C PRO B 105 6.41 3.05 13.44
N ARG B 106 6.83 4.27 13.79
CA ARG B 106 5.93 5.27 14.36
C ARG B 106 5.21 6.11 13.32
N LYS B 107 4.04 6.60 13.70
CA LYS B 107 3.31 7.66 13.00
C LYS B 107 3.53 8.95 13.76
N PRO B 108 3.27 10.10 13.13
CA PRO B 108 3.37 11.40 13.84
C PRO B 108 2.54 11.45 15.13
N GLY B 109 3.15 11.95 16.20
CA GLY B 109 2.51 12.01 17.52
C GLY B 109 2.79 10.82 18.42
N MET B 110 3.16 9.67 17.85
CA MET B 110 3.43 8.47 18.65
C MET B 110 4.68 8.59 19.50
N THR B 111 4.63 8.01 20.69
CA THR B 111 5.82 7.79 21.51
C THR B 111 6.36 6.43 21.13
N ARG B 112 7.65 6.20 21.36
CA ARG B 112 8.23 4.89 21.04
C ARG B 112 7.62 3.77 21.88
N ASP B 113 7.06 4.10 23.04
CA ASP B 113 6.39 3.13 23.90
C ASP B 113 5.02 2.69 23.39
N ASP B 114 4.39 3.48 22.53
CA ASP B 114 3.12 3.07 21.88
C ASP B 114 3.31 1.81 21.04
N LEU B 115 4.54 1.61 20.57
CA LEU B 115 4.89 0.44 19.77
C LEU B 115 5.40 -0.73 20.61
N PHE B 116 5.53 -0.53 21.93
CA PHE B 116 6.13 -1.53 22.82
C PHE B 116 5.45 -2.89 22.70
N ASN B 117 4.14 -2.90 22.90
CA ASN B 117 3.37 -4.14 22.96
C ASN B 117 3.52 -4.96 21.66
N THR B 118 3.49 -4.27 20.54
CA THR B 118 3.62 -4.90 19.22
C THR B 118 5.01 -5.46 19.00
N ASN B 119 6.00 -4.58 19.13
CA ASN B 119 7.39 -4.93 18.83
C ASN B 119 8.02 -5.90 19.84
N ALA B 120 7.69 -5.72 21.12
CA ALA B 120 8.14 -6.65 22.18
C ALA B 120 7.81 -8.09 21.81
N THR B 121 6.59 -8.31 21.32
CA THR B 121 6.13 -9.63 20.90
C THR B 121 6.94 -10.12 19.71
N ILE B 122 7.12 -9.23 18.73
CA ILE B 122 7.87 -9.55 17.51
C ILE B 122 9.31 -9.90 17.85
N VAL B 123 9.94 -9.06 18.67
CA VAL B 123 11.32 -9.30 19.10
C VAL B 123 11.44 -10.61 19.89
N ALA B 124 10.50 -10.83 20.82
CA ALA B 124 10.50 -12.06 21.63
C ALA B 124 10.43 -13.32 20.77
N THR B 125 9.51 -13.30 19.80
CA THR B 125 9.30 -14.45 18.94
C THR B 125 10.54 -14.75 18.11
N LEU B 126 11.07 -13.71 17.47
CA LEU B 126 12.17 -13.87 16.52
C LEU B 126 13.49 -14.25 17.21
N THR B 127 13.71 -13.74 18.42
CA THR B 127 14.92 -14.03 19.19
C THR B 127 14.90 -15.44 19.78
N ALA B 128 13.70 -15.97 20.04
CA ALA B 128 13.56 -17.35 20.52
C ALA B 128 14.10 -18.31 19.46
N ALA B 129 13.70 -18.10 18.21
CA ALA B 129 14.18 -18.90 17.10
C ALA B 129 15.70 -18.79 16.95
N CYS B 130 16.23 -17.59 17.11
CA CYS B 130 17.67 -17.37 17.07
C CYS B 130 18.36 -18.19 18.16
N ALA B 131 17.84 -18.05 19.37
CA ALA B 131 18.34 -18.80 20.53
C ALA B 131 18.35 -20.32 20.28
N GLN B 132 17.32 -20.84 19.63
CA GLN B 132 17.23 -22.27 19.33
C GLN B 132 18.08 -22.70 18.14
N HIS B 133 18.10 -21.89 17.09
CA HIS B 133 18.67 -22.34 15.81
C HIS B 133 20.02 -21.76 15.44
N CYS B 134 20.34 -20.56 15.95
CA CYS B 134 21.66 -19.97 15.75
C CYS B 134 22.13 -19.25 17.03
N PRO B 135 22.27 -20.01 18.15
CA PRO B 135 22.62 -19.46 19.45
C PRO B 135 23.99 -18.78 19.53
N GLU B 136 24.91 -19.17 18.66
CA GLU B 136 26.26 -18.57 18.63
C GLU B 136 26.33 -17.29 17.78
N ALA B 137 25.25 -16.96 17.07
CA ALA B 137 25.21 -15.78 16.20
C ALA B 137 25.16 -14.47 16.96
N MET B 138 25.63 -13.40 16.32
CA MET B 138 25.52 -12.05 16.87
C MET B 138 24.11 -11.53 16.61
N ILE B 139 23.48 -10.94 17.62
CA ILE B 139 22.09 -10.48 17.50
C ILE B 139 22.06 -8.96 17.55
N CYS B 140 21.69 -8.35 16.42
CA CYS B 140 21.65 -6.90 16.30
C CYS B 140 20.19 -6.47 16.16
N VAL B 141 19.66 -5.86 17.21
CA VAL B 141 18.27 -5.47 17.25
C VAL B 141 18.16 -4.01 16.83
N ILE B 142 17.47 -3.78 15.72
CA ILE B 142 17.09 -2.43 15.28
C ILE B 142 15.72 -2.07 15.83
N ALA B 143 14.81 -3.05 15.87
CA ALA B 143 13.43 -2.84 16.34
C ALA B 143 13.33 -2.03 17.64
N ASN B 144 12.48 -1.01 17.64
CA ASN B 144 12.29 -0.14 18.81
C ASN B 144 11.16 -0.62 19.74
N PRO B 145 11.15 -0.14 21.00
CA PRO B 145 12.18 0.71 21.60
C PRO B 145 13.38 -0.12 22.05
N VAL B 146 14.57 0.23 21.56
CA VAL B 146 15.80 -0.52 21.84
C VAL B 146 16.03 -0.66 23.34
N ASN B 147 15.68 0.37 24.09
CA ASN B 147 15.86 0.39 25.53
C ASN B 147 15.14 -0.76 26.26
N SER B 148 14.09 -1.29 25.64
CA SER B 148 13.37 -2.44 26.19
C SER B 148 13.60 -3.74 25.41
N THR B 149 13.78 -3.65 24.09
CA THR B 149 13.87 -4.85 23.26
C THR B 149 15.19 -5.61 23.41
N ILE B 150 16.24 -4.92 23.85
CA ILE B 150 17.49 -5.60 24.17
C ILE B 150 17.33 -6.44 25.45
N PRO B 151 16.77 -5.85 26.53
CA PRO B 151 16.42 -6.66 27.69
C PRO B 151 15.56 -7.89 27.36
N ILE B 152 14.57 -7.72 26.49
CA ILE B 152 13.74 -8.82 26.03
C ILE B 152 14.58 -9.90 25.35
N THR B 153 15.50 -9.47 24.49
CA THR B 153 16.38 -10.40 23.78
C THR B 153 17.28 -11.18 24.75
N ALA B 154 17.75 -10.49 25.79
CA ALA B 154 18.62 -11.12 26.79
C ALA B 154 17.88 -12.25 27.54
N GLU B 155 16.69 -11.94 28.05
CA GLU B 155 15.93 -12.91 28.85
C GLU B 155 15.49 -14.13 28.03
N VAL B 156 15.06 -13.89 26.80
CA VAL B 156 14.64 -14.98 25.91
C VAL B 156 15.82 -15.93 25.68
N PHE B 157 17.01 -15.37 25.51
CA PHE B 157 18.23 -16.17 25.37
C PHE B 157 18.58 -16.95 26.66
N LYS B 158 18.29 -16.35 27.82
CA LYS B 158 18.49 -17.03 29.11
C LYS B 158 17.60 -18.26 29.22
N LYS B 159 16.32 -18.09 28.92
CA LYS B 159 15.35 -19.20 28.96
C LYS B 159 15.86 -20.43 28.21
N HIS B 160 16.52 -20.19 27.06
CA HIS B 160 17.02 -21.29 26.24
C HIS B 160 18.45 -21.72 26.59
N GLY B 161 19.01 -21.11 27.63
CA GLY B 161 20.30 -21.54 28.19
C GLY B 161 21.51 -21.23 27.33
N VAL B 162 21.43 -20.21 26.50
CA VAL B 162 22.51 -19.84 25.58
C VAL B 162 22.82 -18.34 25.59
N TYR B 163 22.51 -17.68 26.70
CA TYR B 163 22.76 -16.24 26.82
C TYR B 163 24.26 -15.91 26.80
N ASN B 164 24.64 -15.00 25.91
CA ASN B 164 26.00 -14.45 25.84
C ASN B 164 25.90 -12.94 25.63
N PRO B 165 26.17 -12.14 26.69
CA PRO B 165 25.97 -10.69 26.61
C PRO B 165 26.94 -9.96 25.67
N ASN B 166 28.02 -10.63 25.27
CA ASN B 166 28.97 -10.08 24.32
C ASN B 166 28.51 -10.20 22.85
N LYS B 167 27.34 -10.82 22.64
CA LYS B 167 26.82 -11.05 21.29
C LYS B 167 25.45 -10.39 21.04
N ILE B 168 24.98 -9.58 21.99
CA ILE B 168 23.66 -8.94 21.85
C ILE B 168 23.78 -7.42 21.84
N PHE B 169 23.38 -6.82 20.73
CA PHE B 169 23.64 -5.40 20.44
C PHE B 169 22.37 -4.65 20.12
N GLY B 170 22.11 -3.57 20.85
CA GLY B 170 21.03 -2.66 20.52
C GLY B 170 21.61 -1.62 19.58
N VAL B 171 21.08 -1.55 18.37
CA VAL B 171 21.71 -0.75 17.33
C VAL B 171 21.32 0.73 17.47
N THR B 172 22.27 1.53 17.97
CA THR B 172 22.07 2.97 18.17
C THR B 172 22.90 3.78 17.19
N THR B 173 23.48 3.10 16.21
CA THR B 173 24.42 3.72 15.29
C THR B 173 23.86 4.96 14.56
N LEU B 174 22.58 4.93 14.21
CA LEU B 174 21.95 6.08 13.56
C LEU B 174 22.15 7.38 14.35
N ASP B 175 22.11 7.30 15.67
CA ASP B 175 22.33 8.47 16.54
C ASP B 175 23.74 9.05 16.37
N ILE B 176 24.74 8.17 16.28
CA ILE B 176 26.12 8.58 16.05
C ILE B 176 26.22 9.18 14.65
N VAL B 177 25.65 8.49 13.68
CA VAL B 177 25.66 8.95 12.28
C VAL B 177 25.02 10.33 12.18
N ARG B 178 23.88 10.54 12.82
CA ARG B 178 23.23 11.86 12.86
C ARG B 178 24.10 12.94 13.50
N ALA B 179 24.71 12.58 14.62
CA ALA B 179 25.58 13.51 15.36
C ALA B 179 26.74 13.96 14.49
N ASN B 180 27.40 13.02 13.83
CA ASN B 180 28.49 13.35 12.91
C ASN B 180 28.04 14.29 11.80
N THR B 181 26.89 14.01 11.20
CA THR B 181 26.41 14.83 10.10
C THR B 181 26.15 16.28 10.56
N PHE B 182 25.53 16.43 11.71
CA PHE B 182 25.13 17.76 12.19
C PHE B 182 26.34 18.59 12.63
N VAL B 183 27.23 17.99 13.41
CA VAL B 183 28.47 18.65 13.80
C VAL B 183 29.28 19.08 12.57
N ALA B 184 29.35 18.20 11.57
CA ALA B 184 30.06 18.50 10.33
C ALA B 184 29.39 19.66 9.58
N GLU B 185 28.07 19.64 9.52
CA GLU B 185 27.32 20.69 8.85
C GLU B 185 27.59 22.07 9.49
N LEU B 186 27.52 22.13 10.82
CA LEU B 186 27.74 23.39 11.53
C LEU B 186 29.18 23.91 11.41
N LYS B 187 30.15 23.00 11.31
CA LYS B 187 31.57 23.38 11.29
C LYS B 187 32.23 23.37 9.91
N GLY B 188 31.46 23.05 8.88
CA GLY B 188 32.00 22.99 7.52
C GLY B 188 33.06 21.92 7.36
N LEU B 189 32.88 20.80 8.04
CA LEU B 189 33.81 19.67 7.96
C LEU B 189 33.27 18.57 7.04
N ASP B 190 34.14 17.62 6.72
CA ASP B 190 33.78 16.42 5.99
C ASP B 190 33.24 15.42 7.01
N PRO B 191 31.96 15.00 6.90
CA PRO B 191 31.37 14.12 7.91
C PRO B 191 32.06 12.77 8.06
N ALA B 192 32.78 12.33 7.03
CA ALA B 192 33.59 11.12 7.10
C ALA B 192 34.75 11.27 8.11
N ARG B 193 35.19 12.50 8.35
CA ARG B 193 36.29 12.76 9.28
C ARG B 193 35.80 13.22 10.66
N VAL B 194 34.51 13.03 10.96
CA VAL B 194 33.94 13.41 12.25
C VAL B 194 33.44 12.16 13.00
N ASN B 195 33.72 12.11 14.30
CA ASN B 195 33.25 11.03 15.16
C ASN B 195 32.77 11.60 16.48
N VAL B 196 31.49 11.36 16.78
CA VAL B 196 30.87 11.80 18.01
C VAL B 196 30.41 10.58 18.81
N PRO B 197 31.02 10.33 19.98
CA PRO B 197 30.47 9.28 20.83
C PRO B 197 29.10 9.67 21.38
N VAL B 198 28.13 8.77 21.27
CA VAL B 198 26.80 8.98 21.81
C VAL B 198 26.51 7.83 22.75
N ILE B 199 26.10 8.15 23.97
CA ILE B 199 25.95 7.16 25.03
C ILE B 199 24.55 7.18 25.62
N GLY B 200 24.27 6.21 26.50
CA GLY B 200 23.01 6.13 27.22
C GLY B 200 22.07 5.13 26.61
N GLY B 201 21.05 5.64 25.91
CA GLY B 201 20.11 4.78 25.20
C GLY B 201 19.58 5.43 23.93
N HIS B 202 18.52 4.85 23.38
CA HIS B 202 17.93 5.34 22.15
C HIS B 202 16.47 5.75 22.36
N ALA B 203 16.29 6.89 23.03
CA ALA B 203 14.96 7.49 23.22
C ALA B 203 15.07 8.84 23.94
N GLY B 204 14.76 9.92 23.23
CA GLY B 204 14.65 11.25 23.83
C GLY B 204 15.88 11.71 24.58
N LYS B 205 15.72 11.97 25.88
CA LYS B 205 16.83 12.50 26.69
C LYS B 205 17.87 11.43 27.05
N THR B 206 17.56 10.16 26.81
CA THR B 206 18.53 9.08 27.04
C THR B 206 19.61 9.03 25.95
N ILE B 207 19.41 9.82 24.88
CA ILE B 207 20.40 9.96 23.81
C ILE B 207 21.36 11.09 24.17
N ILE B 208 22.61 10.74 24.49
CA ILE B 208 23.55 11.70 25.05
C ILE B 208 24.81 11.80 24.18
N PRO B 209 24.89 12.85 23.34
CA PRO B 209 26.08 13.07 22.52
C PRO B 209 27.22 13.73 23.29
N LEU B 210 28.33 13.02 23.41
CA LEU B 210 29.50 13.53 24.11
C LEU B 210 30.31 14.41 23.18
N ILE B 211 29.82 15.64 22.97
CA ILE B 211 30.48 16.59 22.05
C ILE B 211 31.87 16.96 22.52
N SER B 212 32.09 16.94 23.85
CA SER B 212 33.42 17.19 24.41
C SER B 212 34.44 16.10 24.00
N GLN B 213 33.95 14.92 23.63
CA GLN B 213 34.80 13.84 23.13
C GLN B 213 34.86 13.77 21.60
N CYS B 214 34.28 14.76 20.92
CA CYS B 214 34.24 14.76 19.46
C CYS B 214 35.64 14.88 18.87
N THR B 215 35.95 14.04 17.89
CA THR B 215 37.16 14.21 17.07
C THR B 215 36.71 14.60 15.67
N PRO B 216 37.25 15.71 15.12
CA PRO B 216 38.19 16.63 15.76
C PRO B 216 37.52 17.45 16.85
N LYS B 217 38.32 18.13 17.67
CA LYS B 217 37.79 18.93 18.76
C LYS B 217 36.99 20.10 18.18
N VAL B 218 35.82 20.36 18.76
CA VAL B 218 34.95 21.44 18.31
C VAL B 218 34.47 22.26 19.50
N ASP B 219 34.27 23.56 19.26
CA ASP B 219 33.93 24.51 20.31
C ASP B 219 32.62 25.22 19.99
N PHE B 220 31.60 24.96 20.81
CA PHE B 220 30.29 25.57 20.65
C PHE B 220 29.93 26.37 21.90
N PRO B 221 29.35 27.57 21.73
CA PRO B 221 28.73 28.21 22.88
C PRO B 221 27.60 27.34 23.43
N GLN B 222 27.31 27.45 24.72
CA GLN B 222 26.33 26.58 25.38
C GLN B 222 24.94 26.62 24.73
N ASP B 223 24.54 27.76 24.17
CA ASP B 223 23.24 27.87 23.50
C ASP B 223 23.18 27.00 22.23
N GLN B 224 24.19 27.10 21.37
CA GLN B 224 24.32 26.25 20.18
C GLN B 224 24.42 24.78 20.56
N LEU B 225 25.20 24.48 21.60
CA LEU B 225 25.42 23.11 22.05
C LEU B 225 24.12 22.45 22.50
N THR B 226 23.29 23.21 23.21
CA THR B 226 22.01 22.70 23.71
C THR B 226 21.04 22.40 22.56
N ALA B 227 20.95 23.33 21.59
CA ALA B 227 20.09 23.16 20.43
C ALA B 227 20.57 22.01 19.55
N LEU B 228 21.88 21.93 19.34
CA LEU B 228 22.50 20.81 18.63
C LEU B 228 22.17 19.48 19.32
N THR B 229 22.27 19.47 20.64
CA THR B 229 21.98 18.27 21.44
C THR B 229 20.52 17.87 21.31
N GLY B 230 19.62 18.86 21.30
CA GLY B 230 18.19 18.63 21.09
C GLY B 230 17.88 18.10 19.69
N ARG B 231 18.60 18.65 18.70
CA ARG B 231 18.46 18.20 17.31
C ARG B 231 18.80 16.72 17.18
N ILE B 232 19.87 16.28 17.85
CA ILE B 232 20.29 14.88 17.79
C ILE B 232 19.26 13.98 18.47
N GLN B 233 18.76 14.42 19.63
CA GLN B 233 17.82 13.64 20.40
C GLN B 233 16.47 13.47 19.73
N GLU B 234 16.04 14.51 19.02
CA GLU B 234 14.72 14.51 18.36
C GLU B 234 14.81 14.30 16.84
N ALA B 235 15.97 13.85 16.37
CA ALA B 235 16.19 13.67 14.94
C ALA B 235 15.19 12.70 14.31
N GLY B 236 14.95 11.57 14.96
CA GLY B 236 13.97 10.58 14.49
C GLY B 236 12.57 11.14 14.36
N THR B 237 12.21 12.02 15.29
CA THR B 237 10.92 12.69 15.30
C THR B 237 10.78 13.65 14.13
N GLU B 238 11.86 14.37 13.81
CA GLU B 238 11.83 15.32 12.71
C GLU B 238 11.60 14.59 11.37
N VAL B 239 12.19 13.40 11.23
CA VAL B 239 12.00 12.59 10.02
C VAL B 239 10.55 12.09 9.94
N VAL B 240 10.01 11.63 11.08
CA VAL B 240 8.61 11.23 11.16
C VAL B 240 7.66 12.37 10.73
N LYS B 241 7.98 13.60 11.13
CA LYS B 241 7.19 14.77 10.74
C LYS B 241 7.27 15.02 9.23
N ALA B 242 8.50 15.03 8.70
CA ALA B 242 8.73 15.24 7.27
C ALA B 242 8.01 14.21 6.39
N LYS B 243 7.88 12.98 6.88
CA LYS B 243 7.20 11.91 6.13
C LYS B 243 5.68 11.93 6.27
N ALA B 244 5.17 12.68 7.24
CA ALA B 244 3.73 12.99 7.36
C ALA B 244 2.83 11.75 7.32
N GLY B 245 3.22 10.70 8.05
CA GLY B 245 2.43 9.48 8.11
C GLY B 245 2.97 8.35 7.26
N ALA B 246 3.95 8.64 6.42
CA ALA B 246 4.56 7.61 5.57
C ALA B 246 5.67 6.81 6.28
N GLY B 247 5.86 7.05 7.59
CA GLY B 247 6.75 6.23 8.40
C GLY B 247 7.90 7.01 9.01
N SER B 248 8.95 6.29 9.38
CA SER B 248 10.12 6.88 10.03
C SER B 248 11.37 6.62 9.18
N ALA B 249 12.53 6.96 9.72
CA ALA B 249 13.81 6.81 9.02
C ALA B 249 14.02 5.38 8.55
N THR B 250 14.22 5.22 7.25
CA THR B 250 14.38 3.91 6.62
C THR B 250 15.73 3.80 5.90
N LEU B 251 16.02 4.75 5.02
CA LEU B 251 17.25 4.73 4.22
C LEU B 251 18.49 5.04 5.08
N SER B 252 18.40 6.07 5.92
CA SER B 252 19.49 6.40 6.84
C SER B 252 19.75 5.32 7.87
N MET B 253 18.70 4.59 8.26
CA MET B 253 18.82 3.49 9.21
C MET B 253 19.41 2.27 8.53
N ALA B 254 19.04 2.05 7.27
CA ALA B 254 19.68 1.03 6.47
C ALA B 254 21.19 1.29 6.44
N TYR B 255 21.57 2.55 6.23
CA TYR B 255 22.99 2.92 6.22
C TYR B 255 23.62 2.61 7.57
N ALA B 256 23.02 3.10 8.64
CA ALA B 256 23.56 2.93 10.00
C ALA B 256 23.66 1.45 10.41
N GLY B 257 22.61 0.68 10.10
CA GLY B 257 22.61 -0.75 10.38
C GLY B 257 23.63 -1.52 9.58
N ALA B 258 23.81 -1.12 8.33
CA ALA B 258 24.84 -1.75 7.51
C ALA B 258 26.21 -1.43 8.10
N ARG B 259 26.41 -0.18 8.52
CA ARG B 259 27.68 0.23 9.11
C ARG B 259 28.00 -0.62 10.35
N PHE B 260 27.03 -0.73 11.25
CA PHE B 260 27.28 -1.49 12.47
C PHE B 260 27.59 -2.96 12.17
N VAL B 261 26.82 -3.56 11.26
CA VAL B 261 27.06 -4.95 10.88
C VAL B 261 28.44 -5.11 10.24
N PHE B 262 28.83 -4.18 9.37
CA PHE B 262 30.16 -4.22 8.75
C PHE B 262 31.28 -4.11 9.80
N SER B 263 31.12 -3.19 10.74
CA SER B 263 32.06 -3.04 11.85
C SER B 263 32.25 -4.37 12.58
N LEU B 264 31.12 -4.99 12.91
CA LEU B 264 31.08 -6.23 13.68
C LEU B 264 31.72 -7.39 12.92
N VAL B 265 31.41 -7.51 11.63
CA VAL B 265 31.97 -8.56 10.80
C VAL B 265 33.47 -8.36 10.53
N ASP B 266 33.93 -7.12 10.43
CA ASP B 266 35.36 -6.82 10.33
C ASP B 266 36.08 -7.31 11.59
N ALA B 267 35.55 -6.95 12.75
CA ALA B 267 36.09 -7.38 14.02
C ALA B 267 36.12 -8.90 14.15
N MET B 268 35.07 -9.56 13.67
CA MET B 268 35.00 -11.02 13.68
C MET B 268 36.05 -11.67 12.79
N ASN B 269 36.45 -10.96 11.74
CA ASN B 269 37.56 -11.41 10.89
C ASN B 269 38.94 -11.04 11.41
N GLY B 270 39.02 -10.39 12.57
CA GLY B 270 40.30 -10.10 13.22
C GLY B 270 40.85 -8.70 12.99
N LYS B 271 40.02 -7.80 12.48
CA LYS B 271 40.43 -6.41 12.32
C LYS B 271 40.48 -5.73 13.68
N GLU B 272 41.53 -4.95 13.91
CA GLU B 272 41.81 -4.35 15.21
C GLU B 272 41.38 -2.88 15.28
N GLY B 273 41.07 -2.42 16.50
CA GLY B 273 40.71 -1.03 16.74
C GLY B 273 39.33 -0.63 16.24
N VAL B 274 38.45 -1.61 16.06
CA VAL B 274 37.07 -1.37 15.64
C VAL B 274 36.22 -0.97 16.85
N VAL B 275 35.77 0.28 16.88
CA VAL B 275 35.00 0.80 18.01
C VAL B 275 33.63 1.29 17.55
N GLU B 276 32.57 0.80 18.20
CA GLU B 276 31.20 1.27 17.97
C GLU B 276 30.44 1.43 19.29
N CYS B 277 29.65 2.48 19.39
CA CYS B 277 28.67 2.60 20.47
C CYS B 277 27.51 1.67 20.16
N SER B 278 27.04 0.95 21.18
CA SER B 278 25.87 0.09 21.04
C SER B 278 25.24 -0.11 22.42
N PHE B 279 23.93 -0.31 22.44
CA PHE B 279 23.18 -0.52 23.68
C PHE B 279 23.30 -1.98 24.08
N VAL B 280 24.00 -2.23 25.19
CA VAL B 280 24.37 -3.60 25.59
C VAL B 280 24.31 -3.81 27.11
N LYS B 281 24.51 -5.05 27.53
CA LYS B 281 24.69 -5.39 28.96
C LYS B 281 25.88 -4.62 29.49
N SER B 282 25.66 -3.80 30.52
CA SER B 282 26.66 -2.86 31.01
C SER B 282 26.76 -2.88 32.53
N GLN B 283 27.99 -2.82 33.04
CA GLN B 283 28.23 -2.55 34.47
C GLN B 283 28.86 -1.15 34.65
N GLU B 284 28.76 -0.31 33.61
CA GLU B 284 29.36 1.04 33.65
C GLU B 284 28.53 2.01 34.49
N THR B 285 27.27 1.66 34.72
CA THR B 285 26.36 2.47 35.51
C THR B 285 25.46 1.58 36.36
N GLU B 286 24.63 2.20 37.17
CA GLU B 286 23.56 1.51 37.90
C GLU B 286 22.51 0.90 36.95
N CYS B 287 22.47 1.35 35.70
CA CYS B 287 21.65 0.73 34.66
C CYS B 287 22.29 -0.58 34.18
N THR B 288 21.46 -1.59 34.02
CA THR B 288 21.91 -2.94 33.69
C THR B 288 22.18 -3.08 32.19
N TYR B 289 21.60 -2.16 31.43
CA TYR B 289 21.88 -2.03 30.00
C TYR B 289 22.18 -0.56 29.73
N PHE B 290 23.14 -0.31 28.86
CA PHE B 290 23.64 1.05 28.64
C PHE B 290 24.48 1.06 27.38
N SER B 291 24.48 2.19 26.69
CA SER B 291 25.28 2.35 25.48
C SER B 291 26.52 3.17 25.77
N THR B 292 27.67 2.61 25.41
CA THR B 292 28.95 3.31 25.46
C THR B 292 29.76 2.83 24.27
N PRO B 293 30.89 3.50 23.96
CA PRO B 293 31.75 2.96 22.91
C PRO B 293 32.30 1.58 23.28
N LEU B 294 32.32 0.67 22.32
CA LEU B 294 32.74 -0.70 22.55
C LEU B 294 33.83 -1.11 21.59
N LEU B 295 34.91 -1.67 22.11
CA LEU B 295 35.90 -2.32 21.26
C LEU B 295 35.32 -3.67 20.86
N LEU B 296 35.14 -3.85 19.55
CA LEU B 296 34.66 -5.11 19.02
C LEU B 296 35.84 -5.97 18.64
N GLY B 297 35.66 -7.28 18.77
CA GLY B 297 36.67 -8.27 18.40
C GLY B 297 36.00 -9.62 18.08
N LYS B 298 36.82 -10.67 18.05
CA LYS B 298 36.35 -11.97 17.58
C LYS B 298 35.26 -12.63 18.43
N LYS B 299 35.13 -12.21 19.69
CA LYS B 299 34.08 -12.74 20.56
C LYS B 299 32.83 -11.84 20.60
N GLY B 300 32.81 -10.78 19.79
CA GLY B 300 31.77 -9.75 19.85
C GLY B 300 32.31 -8.55 20.58
N ILE B 301 31.77 -8.26 21.75
CA ILE B 301 32.32 -7.22 22.61
C ILE B 301 33.64 -7.68 23.22
N GLU B 302 34.74 -7.04 22.83
CA GLU B 302 36.06 -7.37 23.37
C GLU B 302 36.28 -6.59 24.66
N LYS B 303 35.93 -5.31 24.63
CA LYS B 303 36.10 -4.44 25.79
C LYS B 303 35.12 -3.26 25.74
N ASN B 304 34.44 -3.02 26.85
CA ASN B 304 33.58 -1.85 27.01
C ASN B 304 34.44 -0.67 27.45
N LEU B 305 34.51 0.37 26.62
CA LEU B 305 35.37 1.51 26.89
C LEU B 305 34.77 2.51 27.88
N GLY B 306 33.50 2.33 28.22
CA GLY B 306 32.86 3.16 29.24
C GLY B 306 32.57 4.59 28.83
N ILE B 307 32.22 5.41 29.81
CA ILE B 307 31.80 6.79 29.58
C ILE B 307 32.97 7.73 29.31
N GLY B 308 34.10 7.52 30.01
CA GLY B 308 35.26 8.41 29.88
C GLY B 308 35.05 9.73 30.59
N LYS B 309 35.93 10.70 30.36
CA LYS B 309 35.78 12.04 30.92
C LYS B 309 34.72 12.81 30.16
N VAL B 310 33.85 13.49 30.91
CA VAL B 310 32.74 14.23 30.31
C VAL B 310 32.61 15.60 30.96
N SER B 311 31.93 16.52 30.28
CA SER B 311 31.65 17.85 30.81
C SER B 311 30.58 17.77 31.90
N SER B 312 30.40 18.87 32.63
CA SER B 312 29.34 18.96 33.62
C SER B 312 27.98 18.81 32.97
N PHE B 313 27.82 19.47 31.82
CA PHE B 313 26.59 19.39 31.02
C PHE B 313 26.24 17.93 30.68
N GLU B 314 27.25 17.17 30.26
CA GLU B 314 27.04 15.79 29.84
C GLU B 314 26.77 14.88 31.05
N GLU B 315 27.42 15.15 32.17
CA GLU B 315 27.17 14.42 33.42
C GLU B 315 25.72 14.62 33.89
N LYS B 316 25.21 15.85 33.77
CA LYS B 316 23.82 16.15 34.09
C LYS B 316 22.85 15.28 33.29
N MET B 317 23.06 15.21 31.98
CA MET B 317 22.20 14.42 31.09
C MET B 317 22.25 12.95 31.44
N ILE B 318 23.43 12.43 31.78
CA ILE B 318 23.56 11.03 32.19
C ILE B 318 22.69 10.79 33.42
N SER B 319 22.81 11.65 34.41
CA SER B 319 22.05 11.54 35.67
C SER B 319 20.55 11.53 35.42
N ASP B 320 20.07 12.43 34.57
CA ASP B 320 18.64 12.54 34.25
C ASP B 320 18.11 11.35 33.46
N ALA B 321 18.97 10.75 32.64
CA ALA B 321 18.56 9.66 31.76
C ALA B 321 18.34 8.33 32.49
N ILE B 322 19.06 8.13 33.59
CA ILE B 322 19.09 6.85 34.30
C ILE B 322 17.70 6.34 34.73
N PRO B 323 16.85 7.21 35.31
CA PRO B 323 15.50 6.73 35.65
C PRO B 323 14.74 6.16 34.46
N GLU B 324 14.72 6.88 33.34
CA GLU B 324 14.10 6.40 32.09
C GLU B 324 14.65 5.04 31.67
N LEU B 325 15.97 4.89 31.67
CA LEU B 325 16.59 3.64 31.24
C LEU B 325 16.17 2.48 32.14
N LYS B 326 16.21 2.69 33.46
CA LYS B 326 15.82 1.65 34.41
C LYS B 326 14.37 1.21 34.16
N ALA B 327 13.47 2.17 34.05
CA ALA B 327 12.06 1.91 33.74
C ALA B 327 11.95 1.04 32.47
N SER B 328 12.60 1.48 31.41
CA SER B 328 12.54 0.78 30.12
C SER B 328 13.12 -0.63 30.20
N ILE B 329 14.20 -0.79 30.96
CA ILE B 329 14.80 -2.11 31.19
C ILE B 329 13.84 -3.03 31.95
N LYS B 330 13.20 -2.50 32.97
CA LYS B 330 12.23 -3.25 33.78
C LYS B 330 11.04 -3.71 32.92
N LYS B 331 10.50 -2.79 32.12
CA LYS B 331 9.34 -3.06 31.28
C LYS B 331 9.57 -4.26 30.34
N GLY B 332 10.73 -4.30 29.70
CA GLY B 332 11.08 -5.41 28.82
C GLY B 332 11.27 -6.71 29.57
N GLU B 333 11.97 -6.64 30.70
CA GLU B 333 12.18 -7.80 31.58
C GLU B 333 10.85 -8.31 32.14
N ASP B 334 9.95 -7.40 32.49
CA ASP B 334 8.62 -7.78 32.98
C ASP B 334 7.84 -8.52 31.90
N PHE B 335 7.83 -7.96 30.69
CA PHE B 335 7.12 -8.54 29.55
C PHE B 335 7.45 -10.01 29.33
N VAL B 336 8.73 -10.37 29.47
CA VAL B 336 9.16 -11.75 29.22
C VAL B 336 8.57 -12.74 30.25
N LYS B 337 8.45 -12.30 31.50
CA LYS B 337 7.86 -13.14 32.55
C LYS B 337 6.43 -13.57 32.21
N THR B 338 5.70 -12.71 31.49
CA THR B 338 4.29 -12.94 31.18
C THR B 338 4.03 -14.00 30.10
N LEU B 339 5.06 -14.48 29.43
CA LEU B 339 4.89 -15.44 28.32
C LEU B 339 4.68 -16.88 28.82
N ASN C 26 -31.93 -16.89 -0.30
CA ASN C 26 -31.37 -18.29 -0.29
C ASN C 26 -30.16 -18.52 -1.23
N ALA C 27 -29.78 -17.51 -2.01
CA ALA C 27 -28.71 -17.66 -3.01
C ALA C 27 -27.33 -17.78 -2.38
N LYS C 28 -26.49 -18.64 -2.97
CA LYS C 28 -25.11 -18.80 -2.57
C LYS C 28 -24.24 -18.10 -3.61
N VAL C 29 -23.54 -17.05 -3.20
CA VAL C 29 -22.75 -16.24 -4.14
C VAL C 29 -21.27 -16.27 -3.80
N ALA C 30 -20.44 -16.55 -4.81
CA ALA C 30 -19.00 -16.45 -4.69
C ALA C 30 -18.53 -15.14 -5.33
N VAL C 31 -17.55 -14.52 -4.68
CA VAL C 31 -16.89 -13.33 -5.21
C VAL C 31 -15.41 -13.67 -5.38
N LEU C 32 -14.96 -13.70 -6.63
CA LEU C 32 -13.59 -14.06 -6.96
C LEU C 32 -12.82 -12.78 -7.22
N GLY C 33 -11.86 -12.49 -6.35
CA GLY C 33 -11.20 -11.19 -6.30
C GLY C 33 -11.77 -10.30 -5.20
N ALA C 34 -12.14 -10.92 -4.08
CA ALA C 34 -12.92 -10.25 -3.03
C ALA C 34 -12.14 -9.27 -2.15
N SER C 35 -10.81 -9.34 -2.19
CA SER C 35 -9.96 -8.47 -1.36
C SER C 35 -9.60 -7.15 -2.04
N GLY C 36 -10.02 -6.97 -3.29
CA GLY C 36 -9.64 -5.79 -4.07
C GLY C 36 -10.54 -4.60 -3.89
N GLY C 37 -10.20 -3.52 -4.61
CA GLY C 37 -10.95 -2.27 -4.58
C GLY C 37 -12.46 -2.41 -4.75
N ILE C 38 -12.85 -3.19 -5.76
CA ILE C 38 -14.24 -3.51 -6.01
C ILE C 38 -14.71 -4.63 -5.10
N GLY C 39 -13.90 -5.68 -4.98
CA GLY C 39 -14.25 -6.88 -4.23
C GLY C 39 -14.76 -6.68 -2.80
N GLN C 40 -14.10 -5.81 -2.04
CA GLN C 40 -14.45 -5.61 -0.64
C GLN C 40 -15.80 -4.92 -0.44
N PRO C 41 -16.01 -3.72 -1.04
CA PRO C 41 -17.34 -3.11 -0.95
C PRO C 41 -18.45 -3.90 -1.66
N LEU C 42 -18.11 -4.63 -2.72
CA LEU C 42 -19.07 -5.51 -3.37
C LEU C 42 -19.51 -6.60 -2.40
N SER C 43 -18.53 -7.20 -1.74
CA SER C 43 -18.79 -8.23 -0.74
C SER C 43 -19.61 -7.65 0.41
N LEU C 44 -19.34 -6.40 0.78
CA LEU C 44 -20.12 -5.71 1.78
C LEU C 44 -21.61 -5.63 1.38
N LEU C 45 -21.87 -5.12 0.17
CA LEU C 45 -23.25 -4.97 -0.31
C LEU C 45 -23.99 -6.29 -0.41
N LEU C 46 -23.28 -7.34 -0.80
CA LEU C 46 -23.87 -8.68 -0.86
C LEU C 46 -24.17 -9.22 0.54
N LYS C 47 -23.20 -9.06 1.43
CA LYS C 47 -23.38 -9.45 2.84
C LYS C 47 -24.61 -8.77 3.46
N ASN C 48 -24.80 -7.49 3.14
CA ASN C 48 -25.94 -6.72 3.65
C ASN C 48 -27.31 -7.12 3.06
N SER C 49 -27.34 -7.96 2.02
CA SER C 49 -28.58 -8.28 1.33
C SER C 49 -29.30 -9.45 1.99
N PRO C 50 -30.64 -9.35 2.11
CA PRO C 50 -31.44 -10.48 2.59
C PRO C 50 -31.56 -11.61 1.56
N LEU C 51 -31.21 -11.34 0.31
CA LEU C 51 -31.27 -12.35 -0.75
C LEU C 51 -30.14 -13.37 -0.65
N VAL C 52 -29.06 -13.04 0.05
CA VAL C 52 -27.86 -13.89 0.09
C VAL C 52 -27.79 -14.69 1.39
N SER C 53 -27.75 -16.02 1.27
CA SER C 53 -27.64 -16.89 2.47
C SER C 53 -26.23 -17.46 2.68
N ARG C 54 -25.41 -17.49 1.63
CA ARG C 54 -24.01 -17.87 1.77
C ARG C 54 -23.12 -17.03 0.85
N LEU C 55 -22.09 -16.44 1.44
CA LEU C 55 -21.13 -15.60 0.72
C LEU C 55 -19.74 -16.20 0.86
N THR C 56 -19.21 -16.76 -0.23
CA THR C 56 -17.85 -17.29 -0.24
C THR C 56 -16.92 -16.30 -0.95
N LEU C 57 -15.87 -15.90 -0.24
CA LEU C 57 -14.94 -14.90 -0.74
C LEU C 57 -13.64 -15.58 -1.13
N TYR C 58 -13.14 -15.26 -2.32
CA TYR C 58 -11.87 -15.81 -2.79
C TYR C 58 -10.93 -14.71 -3.27
N ASP C 59 -9.65 -14.87 -2.93
CA ASP C 59 -8.60 -14.03 -3.48
C ASP C 59 -7.26 -14.75 -3.33
N ILE C 60 -6.19 -14.10 -3.78
CA ILE C 60 -4.84 -14.63 -3.62
C ILE C 60 -4.15 -13.98 -2.42
N ALA C 61 -4.71 -12.89 -1.92
CA ALA C 61 -4.21 -12.23 -0.72
C ALA C 61 -5.33 -11.67 0.16
N HIS C 62 -5.12 -11.68 1.47
CA HIS C 62 -5.93 -10.95 2.46
C HIS C 62 -7.36 -11.46 2.68
N THR C 63 -7.75 -12.54 2.01
CA THR C 63 -9.14 -12.97 2.02
C THR C 63 -9.66 -13.33 3.43
N PRO C 64 -8.85 -14.04 4.23
CA PRO C 64 -9.30 -14.41 5.60
C PRO C 64 -9.70 -13.24 6.50
N GLY C 65 -8.96 -12.13 6.42
CA GLY C 65 -9.25 -10.94 7.23
C GLY C 65 -10.49 -10.20 6.77
N VAL C 66 -10.71 -10.21 5.46
CA VAL C 66 -11.90 -9.61 4.88
C VAL C 66 -13.16 -10.41 5.30
N ALA C 67 -13.05 -11.74 5.28
CA ALA C 67 -14.16 -12.61 5.66
C ALA C 67 -14.53 -12.45 7.15
N ALA C 68 -13.52 -12.39 8.02
CA ALA C 68 -13.75 -12.19 9.45
C ALA C 68 -14.44 -10.85 9.73
N ASP C 69 -13.96 -9.81 9.04
CA ASP C 69 -14.54 -8.46 9.12
C ASP C 69 -16.03 -8.52 8.85
N LEU C 70 -16.41 -9.08 7.70
CA LEU C 70 -17.80 -9.14 7.27
C LEU C 70 -18.65 -10.11 8.09
N SER C 71 -18.04 -11.16 8.64
CA SER C 71 -18.77 -12.18 9.41
C SER C 71 -19.39 -11.60 10.69
N HIS C 72 -18.94 -10.42 11.08
CA HIS C 72 -19.48 -9.70 12.25
C HIS C 72 -20.75 -8.92 11.95
N ILE C 73 -21.11 -8.78 10.67
CA ILE C 73 -22.29 -8.00 10.29
C ILE C 73 -23.58 -8.79 10.54
N GLU C 74 -24.58 -8.08 11.05
CA GLU C 74 -25.79 -8.67 11.63
C GLU C 74 -26.84 -9.10 10.59
N THR C 75 -26.39 -9.83 9.56
CA THR C 75 -27.27 -10.41 8.55
C THR C 75 -27.05 -11.90 8.53
N LYS C 76 -27.96 -12.62 7.89
CA LYS C 76 -27.96 -14.08 7.97
C LYS C 76 -26.89 -14.77 7.11
N ALA C 77 -26.40 -14.08 6.08
CA ALA C 77 -25.42 -14.66 5.16
C ALA C 77 -24.19 -15.18 5.90
N ALA C 78 -23.88 -16.45 5.73
CA ALA C 78 -22.66 -17.03 6.28
C ALA C 78 -21.50 -16.61 5.38
N VAL C 79 -20.45 -16.07 5.99
CA VAL C 79 -19.28 -15.62 5.24
C VAL C 79 -18.09 -16.54 5.51
N LYS C 80 -17.52 -17.07 4.43
CA LYS C 80 -16.30 -17.87 4.48
C LYS C 80 -15.29 -17.30 3.49
N GLY C 81 -14.03 -17.25 3.90
CA GLY C 81 -12.95 -16.74 3.06
C GLY C 81 -12.02 -17.84 2.60
N TYR C 82 -11.57 -17.76 1.36
CA TYR C 82 -10.65 -18.75 0.78
C TYR C 82 -9.46 -18.04 0.13
N LEU C 83 -8.30 -18.70 0.19
CA LEU C 83 -7.03 -18.06 -0.14
C LEU C 83 -6.13 -18.99 -0.95
N GLY C 84 -5.87 -18.62 -2.19
CA GLY C 84 -4.97 -19.36 -3.07
C GLY C 84 -5.64 -20.45 -3.88
N PRO C 85 -5.04 -20.84 -5.01
CA PRO C 85 -5.67 -21.78 -5.96
C PRO C 85 -6.08 -23.14 -5.38
N GLU C 86 -5.41 -23.59 -4.32
CA GLU C 86 -5.75 -24.86 -3.68
C GLU C 86 -7.13 -24.82 -3.00
N GLN C 87 -7.59 -23.61 -2.66
CA GLN C 87 -8.86 -23.43 -1.97
C GLN C 87 -10.00 -22.92 -2.86
N LEU C 88 -9.67 -22.60 -4.11
CA LEU C 88 -10.67 -22.09 -5.05
C LEU C 88 -11.82 -23.07 -5.31
N PRO C 89 -11.53 -24.39 -5.39
CA PRO C 89 -12.63 -25.35 -5.56
C PRO C 89 -13.64 -25.35 -4.42
N ASP C 90 -13.15 -25.30 -3.18
CA ASP C 90 -14.01 -25.26 -2.01
C ASP C 90 -14.88 -24.00 -1.98
N CYS C 91 -14.33 -22.90 -2.47
CA CYS C 91 -15.09 -21.64 -2.59
C CYS C 91 -16.25 -21.78 -3.57
N LEU C 92 -16.06 -22.57 -4.63
CA LEU C 92 -17.05 -22.69 -5.71
C LEU C 92 -18.14 -23.75 -5.48
N LYS C 93 -17.87 -24.76 -4.64
CA LYS C 93 -18.85 -25.82 -4.31
C LYS C 93 -20.28 -25.30 -4.03
N GLY C 94 -21.22 -25.66 -4.90
CA GLY C 94 -22.63 -25.38 -4.68
C GLY C 94 -23.11 -23.96 -4.95
N CYS C 95 -22.29 -23.12 -5.58
CA CYS C 95 -22.63 -21.72 -5.81
C CYS C 95 -23.73 -21.56 -6.86
N ASP C 96 -24.55 -20.53 -6.68
CA ASP C 96 -25.60 -20.18 -7.63
C ASP C 96 -25.15 -19.04 -8.56
N VAL C 97 -24.34 -18.14 -8.02
CA VAL C 97 -23.80 -17.02 -8.80
C VAL C 97 -22.33 -16.83 -8.45
N VAL C 98 -21.51 -16.61 -9.48
CA VAL C 98 -20.13 -16.23 -9.27
C VAL C 98 -19.93 -14.85 -9.88
N VAL C 99 -19.39 -13.92 -9.09
CA VAL C 99 -19.02 -12.58 -9.56
C VAL C 99 -17.51 -12.47 -9.53
N ILE C 100 -16.94 -11.92 -10.60
CA ILE C 100 -15.49 -11.93 -10.78
C ILE C 100 -15.00 -10.50 -11.00
N PRO C 101 -14.79 -9.75 -9.91
CA PRO C 101 -14.06 -8.49 -9.99
C PRO C 101 -12.54 -8.66 -10.03
N ALA C 102 -12.04 -9.89 -9.93
CA ALA C 102 -10.60 -10.16 -9.97
C ALA C 102 -9.96 -9.58 -11.23
N GLY C 103 -8.86 -8.85 -11.06
CA GLY C 103 -8.14 -8.26 -12.19
C GLY C 103 -7.41 -6.97 -11.84
N VAL C 104 -6.59 -6.50 -12.76
CA VAL C 104 -5.81 -5.29 -12.56
C VAL C 104 -6.59 -4.09 -13.09
N PRO C 105 -6.62 -2.99 -12.31
CA PRO C 105 -7.27 -1.77 -12.76
C PRO C 105 -6.34 -0.89 -13.60
N ARG C 106 -6.93 0.09 -14.28
CA ARG C 106 -6.15 1.03 -15.09
C ARG C 106 -5.43 2.11 -14.28
N LYS C 107 -4.32 2.57 -14.83
CA LYS C 107 -3.66 3.81 -14.40
C LYS C 107 -3.99 4.89 -15.43
N PRO C 108 -3.76 6.17 -15.06
CA PRO C 108 -3.95 7.26 -16.03
C PRO C 108 -3.18 7.05 -17.33
N GLY C 109 -3.85 7.27 -18.46
CA GLY C 109 -3.26 7.04 -19.77
C GLY C 109 -3.62 5.71 -20.39
N MET C 110 -3.77 4.66 -19.59
CA MET C 110 -4.00 3.32 -20.11
C MET C 110 -5.33 3.16 -20.82
N THR C 111 -5.35 2.27 -21.81
CA THR C 111 -6.58 1.76 -22.39
C THR C 111 -6.99 0.52 -21.60
N ARG C 112 -8.21 0.04 -21.83
CA ARG C 112 -8.65 -1.21 -21.24
C ARG C 112 -7.88 -2.41 -21.82
N ASP C 113 -7.38 -2.27 -23.05
CA ASP C 113 -6.62 -3.33 -23.71
C ASP C 113 -5.19 -3.46 -23.20
N ASP C 114 -4.67 -2.41 -22.58
CA ASP C 114 -3.39 -2.50 -21.86
C ASP C 114 -3.45 -3.59 -20.76
N LEU C 115 -4.65 -3.80 -20.20
CA LEU C 115 -4.87 -4.80 -19.14
C LEU C 115 -5.16 -6.19 -19.66
N PHE C 116 -5.30 -6.32 -20.97
CA PHE C 116 -5.78 -7.57 -21.58
C PHE C 116 -4.93 -8.78 -21.20
N ASN C 117 -3.61 -8.64 -21.33
CA ASN C 117 -2.70 -9.76 -21.11
C ASN C 117 -2.86 -10.36 -19.70
N THR C 118 -2.81 -9.50 -18.70
CA THR C 118 -2.93 -9.92 -17.29
C THR C 118 -4.31 -10.46 -16.96
N ASN C 119 -5.34 -9.73 -17.36
CA ASN C 119 -6.71 -10.06 -16.97
C ASN C 119 -7.29 -11.23 -17.75
N ALA C 120 -6.85 -11.43 -18.99
CA ALA C 120 -7.25 -12.59 -19.77
C ALA C 120 -6.80 -13.90 -19.11
N THR C 121 -5.59 -13.91 -18.58
CA THR C 121 -5.07 -15.06 -17.84
C THR C 121 -5.88 -15.29 -16.57
N ILE C 122 -6.11 -14.20 -15.83
CA ILE C 122 -6.87 -14.24 -14.59
C ILE C 122 -8.28 -14.79 -14.85
N VAL C 123 -8.97 -14.19 -15.82
CA VAL C 123 -10.34 -14.60 -16.14
C VAL C 123 -10.38 -16.06 -16.63
N ALA C 124 -9.45 -16.44 -17.51
CA ALA C 124 -9.41 -17.82 -18.03
C ALA C 124 -9.17 -18.84 -16.92
N THR C 125 -8.25 -18.53 -16.01
CA THR C 125 -7.92 -19.40 -14.90
C THR C 125 -9.11 -19.59 -13.95
N LEU C 126 -9.80 -18.48 -13.64
CA LEU C 126 -10.90 -18.51 -12.68
C LEU C 126 -12.18 -19.13 -13.27
N THR C 127 -12.47 -18.79 -14.52
CA THR C 127 -13.65 -19.35 -15.20
C THR C 127 -13.47 -20.83 -15.55
N ALA C 128 -12.21 -21.28 -15.65
CA ALA C 128 -11.92 -22.70 -15.80
C ALA C 128 -12.33 -23.46 -14.53
N ALA C 129 -12.00 -22.90 -13.37
CA ALA C 129 -12.42 -23.49 -12.09
C ALA C 129 -13.95 -23.50 -11.95
N CYS C 130 -14.60 -22.43 -12.39
CA CYS C 130 -16.06 -22.37 -12.42
C CYS C 130 -16.65 -23.49 -13.27
N ALA C 131 -16.09 -23.68 -14.46
CA ALA C 131 -16.52 -24.72 -15.39
C ALA C 131 -16.36 -26.11 -14.77
N GLN C 132 -15.28 -26.32 -14.03
CA GLN C 132 -15.03 -27.59 -13.36
C GLN C 132 -15.96 -27.81 -12.17
N HIS C 133 -16.06 -26.82 -11.29
CA HIS C 133 -16.61 -27.03 -9.95
C HIS C 133 -18.01 -26.44 -9.69
N CYS C 134 -18.48 -25.55 -10.56
CA CYS C 134 -19.86 -25.04 -10.48
C CYS C 134 -20.38 -24.61 -11.84
N PRO C 135 -20.40 -25.53 -12.81
CA PRO C 135 -20.83 -25.22 -14.19
C PRO C 135 -22.26 -24.71 -14.31
N GLU C 136 -23.11 -25.05 -13.34
CA GLU C 136 -24.52 -24.64 -13.36
C GLU C 136 -24.73 -23.19 -12.90
N ALA C 137 -23.72 -22.57 -12.32
CA ALA C 137 -23.85 -21.22 -11.74
C ALA C 137 -23.93 -20.12 -12.80
N MET C 138 -24.55 -19.01 -12.43
CA MET C 138 -24.51 -17.81 -13.26
C MET C 138 -23.10 -17.22 -13.10
N ILE C 139 -22.48 -16.84 -14.21
CA ILE C 139 -21.13 -16.28 -14.19
C ILE C 139 -21.21 -14.82 -14.58
N CYS C 140 -20.86 -13.95 -13.64
CA CYS C 140 -20.93 -12.50 -13.83
C CYS C 140 -19.54 -11.90 -13.82
N VAL C 141 -19.03 -11.54 -14.99
CA VAL C 141 -17.66 -11.10 -15.14
C VAL C 141 -17.59 -9.58 -15.13
N ILE C 142 -16.82 -9.06 -14.18
CA ILE C 142 -16.57 -7.63 -14.07
C ILE C 142 -15.22 -7.27 -14.70
N ALA C 143 -14.23 -8.13 -14.56
CA ALA C 143 -12.88 -7.88 -15.06
C ALA C 143 -12.85 -7.37 -16.51
N ASN C 144 -12.08 -6.32 -16.74
CA ASN C 144 -11.95 -5.73 -18.08
C ASN C 144 -10.78 -6.35 -18.85
N PRO C 145 -10.78 -6.21 -20.19
CA PRO C 145 -11.84 -5.61 -20.99
C PRO C 145 -12.99 -6.59 -21.18
N VAL C 146 -14.18 -6.22 -20.71
CA VAL C 146 -15.37 -7.07 -20.77
C VAL C 146 -15.64 -7.57 -22.19
N ASN C 147 -15.45 -6.70 -23.18
CA ASN C 147 -15.64 -7.06 -24.59
C ASN C 147 -14.81 -8.29 -25.04
N SER C 148 -13.67 -8.51 -24.39
CA SER C 148 -12.85 -9.71 -24.64
C SER C 148 -13.00 -10.77 -23.55
N THR C 149 -13.16 -10.36 -22.29
CA THR C 149 -13.16 -11.33 -21.19
C THR C 149 -14.41 -12.23 -21.14
N ILE C 150 -15.52 -11.78 -21.74
CA ILE C 150 -16.71 -12.62 -21.86
C ILE C 150 -16.54 -13.69 -22.95
N PRO C 151 -16.04 -13.31 -24.14
CA PRO C 151 -15.69 -14.36 -25.10
C PRO C 151 -14.73 -15.40 -24.52
N ILE C 152 -13.74 -14.95 -23.76
CA ILE C 152 -12.80 -15.85 -23.08
C ILE C 152 -13.52 -16.83 -22.16
N THR C 153 -14.47 -16.32 -21.38
CA THR C 153 -15.24 -17.15 -20.44
C THR C 153 -16.05 -18.21 -21.19
N ALA C 154 -16.67 -17.80 -22.30
CA ALA C 154 -17.45 -18.71 -23.13
C ALA C 154 -16.58 -19.83 -23.70
N GLU C 155 -15.44 -19.46 -24.30
CA GLU C 155 -14.54 -20.44 -24.91
C GLU C 155 -13.90 -21.39 -23.90
N VAL C 156 -13.71 -20.92 -22.66
CA VAL C 156 -13.22 -21.78 -21.58
C VAL C 156 -14.30 -22.80 -21.20
N PHE C 157 -15.55 -22.34 -21.13
CA PHE C 157 -16.68 -23.22 -20.82
C PHE C 157 -16.94 -24.25 -21.92
N LYS C 158 -16.89 -23.81 -23.17
CA LYS C 158 -16.97 -24.73 -24.32
C LYS C 158 -15.87 -25.79 -24.25
N LYS C 159 -14.69 -25.40 -23.79
CA LYS C 159 -13.54 -26.29 -23.69
C LYS C 159 -13.77 -27.44 -22.67
N HIS C 160 -14.53 -27.16 -21.61
CA HIS C 160 -14.90 -28.17 -20.62
C HIS C 160 -16.27 -28.78 -20.90
N GLY C 161 -16.89 -28.39 -22.00
CA GLY C 161 -18.13 -29.00 -22.48
C GLY C 161 -19.39 -28.69 -21.68
N VAL C 162 -19.42 -27.52 -21.05
CA VAL C 162 -20.52 -27.14 -20.17
C VAL C 162 -21.06 -25.75 -20.50
N TYR C 163 -20.89 -25.33 -21.75
CA TYR C 163 -21.25 -23.97 -22.15
C TYR C 163 -22.77 -23.77 -22.24
N ASN C 164 -23.27 -22.84 -21.43
CA ASN C 164 -24.67 -22.42 -21.45
C ASN C 164 -24.74 -20.90 -21.59
N PRO C 165 -25.00 -20.40 -22.83
CA PRO C 165 -24.93 -18.96 -23.12
C PRO C 165 -25.95 -18.09 -22.38
N ASN C 166 -26.96 -18.70 -21.78
CA ASN C 166 -27.94 -17.98 -20.96
C ASN C 166 -27.48 -17.70 -19.51
N LYS C 167 -26.26 -18.14 -19.15
CA LYS C 167 -25.75 -18.02 -17.79
C LYS C 167 -24.41 -17.28 -17.66
N ILE C 168 -23.93 -16.69 -18.75
CA ILE C 168 -22.68 -15.92 -18.74
C ILE C 168 -22.96 -14.47 -19.08
N PHE C 169 -22.58 -13.57 -18.16
CA PHE C 169 -22.91 -12.15 -18.27
C PHE C 169 -21.69 -11.25 -18.12
N GLY C 170 -21.52 -10.33 -19.06
CA GLY C 170 -20.57 -9.24 -18.90
C GLY C 170 -21.27 -8.06 -18.25
N VAL C 171 -20.83 -7.70 -17.05
CA VAL C 171 -21.51 -6.68 -16.27
C VAL C 171 -21.24 -5.28 -16.82
N THR C 172 -22.20 -4.74 -17.56
CA THR C 172 -22.11 -3.38 -18.11
C THR C 172 -22.94 -2.40 -17.27
N THR C 173 -23.54 -2.91 -16.20
CA THR C 173 -24.53 -2.18 -15.41
C THR C 173 -24.10 -0.76 -15.04
N LEU C 174 -22.80 -0.57 -14.83
CA LEU C 174 -22.27 0.74 -14.46
C LEU C 174 -22.51 1.79 -15.54
N ASP C 175 -22.45 1.38 -16.80
CA ASP C 175 -22.79 2.27 -17.92
C ASP C 175 -24.25 2.77 -17.80
N ILE C 176 -25.17 1.87 -17.43
CA ILE C 176 -26.57 2.22 -17.25
C ILE C 176 -26.72 3.15 -16.05
N VAL C 177 -26.07 2.79 -14.94
CA VAL C 177 -26.11 3.59 -13.72
C VAL C 177 -25.64 5.03 -13.97
N ARG C 178 -24.52 5.16 -14.68
CA ARG C 178 -23.96 6.47 -15.04
C ARG C 178 -24.89 7.26 -15.95
N ALA C 179 -25.41 6.59 -16.98
CA ALA C 179 -26.37 7.20 -17.90
C ALA C 179 -27.58 7.79 -17.17
N ASN C 180 -28.12 7.04 -16.21
CA ASN C 180 -29.27 7.50 -15.42
C ASN C 180 -28.92 8.71 -14.58
N THR C 181 -27.75 8.68 -13.97
CA THR C 181 -27.29 9.78 -13.12
C THR C 181 -27.11 11.05 -13.94
N PHE C 182 -26.44 10.94 -15.09
CA PHE C 182 -26.15 12.13 -15.91
C PHE C 182 -27.41 12.73 -16.53
N VAL C 183 -28.31 11.87 -17.01
CA VAL C 183 -29.61 12.33 -17.49
C VAL C 183 -30.38 13.04 -16.37
N ALA C 184 -30.38 12.44 -15.18
CA ALA C 184 -31.14 12.97 -14.04
C ALA C 184 -30.64 14.34 -13.57
N GLU C 185 -29.32 14.52 -13.62
CA GLU C 185 -28.71 15.79 -13.24
C GLU C 185 -29.07 16.88 -14.24
N LEU C 186 -28.97 16.56 -15.53
CA LEU C 186 -29.23 17.52 -16.60
C LEU C 186 -30.68 18.00 -16.66
N LYS C 187 -31.62 17.10 -16.35
CA LYS C 187 -33.05 17.43 -16.37
C LYS C 187 -33.66 17.57 -14.97
N GLY C 188 -32.81 17.71 -13.95
CA GLY C 188 -33.27 17.87 -12.57
C GLY C 188 -34.23 16.79 -12.10
N LEU C 189 -34.07 15.57 -12.60
CA LEU C 189 -34.95 14.46 -12.21
C LEU C 189 -34.34 13.66 -11.05
N ASP C 190 -35.13 12.73 -10.53
CA ASP C 190 -34.68 11.80 -9.51
C ASP C 190 -34.09 10.56 -10.19
N PRO C 191 -32.78 10.32 -10.00
CA PRO C 191 -32.10 9.16 -10.61
C PRO C 191 -32.80 7.82 -10.44
N ALA C 192 -33.52 7.64 -9.33
CA ALA C 192 -34.27 6.40 -9.08
C ALA C 192 -35.44 6.19 -10.05
N ARG C 193 -35.91 7.27 -10.67
CA ARG C 193 -37.03 7.21 -11.61
C ARG C 193 -36.57 7.10 -13.07
N VAL C 194 -35.29 7.35 -13.32
CA VAL C 194 -34.75 7.38 -14.68
C VAL C 194 -34.19 6.02 -15.10
N ASN C 195 -34.42 5.67 -16.37
CA ASN C 195 -33.90 4.43 -16.94
C ASN C 195 -33.44 4.65 -18.38
N VAL C 196 -32.17 4.36 -18.63
CA VAL C 196 -31.57 4.51 -19.94
C VAL C 196 -30.97 3.17 -20.36
N PRO C 197 -31.57 2.51 -21.36
CA PRO C 197 -30.92 1.34 -21.91
C PRO C 197 -29.58 1.73 -22.53
N VAL C 198 -28.55 0.93 -22.27
CA VAL C 198 -27.24 1.13 -22.87
C VAL C 198 -26.81 -0.17 -23.54
N ILE C 199 -26.45 -0.09 -24.82
CA ILE C 199 -26.20 -1.28 -25.62
C ILE C 199 -24.81 -1.25 -26.25
N GLY C 200 -24.45 -2.36 -26.88
CA GLY C 200 -23.15 -2.51 -27.54
C GLY C 200 -22.20 -3.29 -26.66
N GLY C 201 -21.15 -2.61 -26.20
CA GLY C 201 -20.16 -3.22 -25.32
C GLY C 201 -19.72 -2.28 -24.22
N HIS C 202 -18.63 -2.63 -23.57
CA HIS C 202 -18.10 -1.84 -22.46
C HIS C 202 -16.69 -1.33 -22.77
N ALA C 203 -16.61 -0.40 -23.73
CA ALA C 203 -15.35 0.27 -24.07
C ALA C 203 -15.56 1.38 -25.12
N GLY C 204 -15.34 2.63 -24.70
CA GLY C 204 -15.33 3.78 -25.60
C GLY C 204 -16.56 3.91 -26.46
N LYS C 205 -16.36 3.88 -27.78
CA LYS C 205 -17.44 4.07 -28.74
C LYS C 205 -18.39 2.88 -28.85
N THR C 206 -18.04 1.75 -28.21
CA THR C 206 -18.91 0.59 -28.19
C THR C 206 -20.01 0.73 -27.13
N ILE C 207 -19.84 1.69 -26.21
CA ILE C 207 -20.86 2.00 -25.22
C ILE C 207 -21.88 2.95 -25.88
N ILE C 208 -23.07 2.42 -26.15
CA ILE C 208 -24.09 3.19 -26.88
C ILE C 208 -25.33 3.42 -26.01
N PRO C 209 -25.46 4.62 -25.44
CA PRO C 209 -26.63 4.94 -24.63
C PRO C 209 -27.84 5.32 -25.51
N LEU C 210 -28.94 4.59 -25.33
CA LEU C 210 -30.15 4.82 -26.11
C LEU C 210 -31.01 5.84 -25.40
N ILE C 211 -30.61 7.10 -25.54
CA ILE C 211 -31.32 8.23 -24.89
C ILE C 211 -32.73 8.38 -25.46
N SER C 212 -32.93 7.94 -26.70
CA SER C 212 -34.25 7.98 -27.34
C SER C 212 -35.21 6.94 -26.76
N GLN C 213 -34.69 5.96 -26.00
CA GLN C 213 -35.54 4.99 -25.29
C GLN C 213 -35.60 5.26 -23.78
N CYS C 214 -35.14 6.43 -23.35
CA CYS C 214 -35.10 6.77 -21.94
C CYS C 214 -36.51 6.94 -21.38
N THR C 215 -36.78 6.30 -20.24
CA THR C 215 -38.00 6.56 -19.47
C THR C 215 -37.60 7.31 -18.19
N PRO C 216 -38.18 8.50 -17.97
CA PRO C 216 -39.16 9.22 -18.79
C PRO C 216 -38.52 9.81 -20.05
N LYS C 217 -39.36 10.27 -20.98
CA LYS C 217 -38.88 10.82 -22.24
C LYS C 217 -38.12 12.13 -22.02
N VAL C 218 -37.00 12.26 -22.71
CA VAL C 218 -36.13 13.44 -22.55
C VAL C 218 -35.71 13.97 -23.91
N ASP C 219 -35.78 15.29 -24.07
CA ASP C 219 -35.39 15.94 -25.32
C ASP C 219 -34.20 16.83 -25.04
N PHE C 220 -33.10 16.57 -25.75
CA PHE C 220 -31.91 17.42 -25.70
C PHE C 220 -31.64 17.91 -27.12
N PRO C 221 -31.09 19.12 -27.28
CA PRO C 221 -30.49 19.44 -28.57
C PRO C 221 -29.29 18.54 -28.85
N GLN C 222 -28.94 18.40 -30.13
CA GLN C 222 -27.92 17.46 -30.57
C GLN C 222 -26.57 17.69 -29.89
N ASP C 223 -26.18 18.95 -29.72
CA ASP C 223 -24.89 19.28 -29.10
C ASP C 223 -24.81 18.81 -27.64
N GLN C 224 -25.92 18.93 -26.92
CA GLN C 224 -26.01 18.45 -25.54
C GLN C 224 -26.16 16.94 -25.50
N LEU C 225 -26.86 16.37 -26.48
CA LEU C 225 -26.98 14.91 -26.60
C LEU C 225 -25.62 14.28 -26.85
N THR C 226 -24.82 14.92 -27.70
CA THR C 226 -23.50 14.43 -28.04
C THR C 226 -22.55 14.54 -26.85
N ALA C 227 -22.63 15.65 -26.11
CA ALA C 227 -21.82 15.85 -24.90
C ALA C 227 -22.17 14.82 -23.82
N LEU C 228 -23.46 14.58 -23.64
CA LEU C 228 -23.94 13.56 -22.70
C LEU C 228 -23.51 12.15 -23.12
N THR C 229 -23.57 11.87 -24.42
CA THR C 229 -23.19 10.56 -24.93
C THR C 229 -21.72 10.29 -24.67
N GLY C 230 -20.87 11.28 -24.94
CA GLY C 230 -19.44 11.17 -24.72
C GLY C 230 -19.07 11.02 -23.25
N ARG C 231 -19.74 11.79 -22.40
CA ARG C 231 -19.53 11.73 -20.95
C ARG C 231 -19.77 10.31 -20.44
N ILE C 232 -20.86 9.70 -20.90
CA ILE C 232 -21.20 8.33 -20.52
C ILE C 232 -20.12 7.36 -21.00
N GLN C 233 -19.68 7.53 -22.25
CA GLN C 233 -18.67 6.67 -22.86
C GLN C 233 -17.31 6.72 -22.19
N GLU C 234 -16.89 7.90 -21.73
CA GLU C 234 -15.56 8.11 -21.15
C GLU C 234 -15.61 8.30 -19.65
N ALA C 235 -16.73 7.89 -19.03
CA ALA C 235 -16.96 8.07 -17.60
C ALA C 235 -15.93 7.32 -16.74
N GLY C 236 -15.60 6.10 -17.15
CA GLY C 236 -14.56 5.31 -16.49
C GLY C 236 -13.22 6.04 -16.49
N THR C 237 -12.87 6.61 -17.64
CA THR C 237 -11.63 7.35 -17.80
C THR C 237 -11.61 8.63 -16.95
N GLU C 238 -12.76 9.26 -16.80
CA GLU C 238 -12.88 10.44 -15.92
C GLU C 238 -12.51 10.09 -14.48
N VAL C 239 -12.94 8.91 -14.02
CA VAL C 239 -12.64 8.44 -12.67
C VAL C 239 -11.16 8.06 -12.50
N VAL C 240 -10.59 7.40 -13.50
CA VAL C 240 -9.16 7.08 -13.48
C VAL C 240 -8.30 8.35 -13.36
N LYS C 241 -8.68 9.40 -14.08
CA LYS C 241 -7.97 10.69 -14.00
C LYS C 241 -8.11 11.34 -12.62
N ALA C 242 -9.33 11.34 -12.09
CA ALA C 242 -9.59 11.93 -10.78
C ALA C 242 -8.83 11.21 -9.68
N LYS C 243 -8.69 9.89 -9.79
CA LYS C 243 -7.96 9.12 -8.80
C LYS C 243 -6.44 9.27 -8.91
N ALA C 244 -5.97 9.75 -10.07
CA ALA C 244 -4.57 10.14 -10.25
C ALA C 244 -3.56 9.06 -9.83
N GLY C 245 -3.79 7.82 -10.27
CA GLY C 245 -2.90 6.71 -9.96
C GLY C 245 -3.39 5.76 -8.88
N ALA C 246 -4.41 6.17 -8.13
CA ALA C 246 -4.99 5.33 -7.07
C ALA C 246 -6.08 4.39 -7.57
N GLY C 247 -6.07 4.05 -8.86
CA GLY C 247 -6.97 3.04 -9.41
C GLY C 247 -8.14 3.61 -10.18
N SER C 248 -9.12 2.75 -10.46
CA SER C 248 -10.32 3.11 -11.24
C SER C 248 -11.56 3.05 -10.34
N ALA C 249 -12.75 3.13 -10.96
CA ALA C 249 -14.01 3.10 -10.22
C ALA C 249 -14.15 1.82 -9.41
N THR C 250 -14.30 1.99 -8.09
CA THR C 250 -14.39 0.86 -7.16
C THR C 250 -15.77 0.82 -6.51
N LEU C 251 -16.15 1.92 -5.86
CA LEU C 251 -17.37 1.98 -5.07
C LEU C 251 -18.63 1.96 -5.94
N SER C 252 -18.65 2.77 -7.00
CA SER C 252 -19.77 2.76 -7.94
C SER C 252 -19.88 1.42 -8.66
N MET C 253 -18.75 0.79 -8.93
CA MET C 253 -18.76 -0.52 -9.57
C MET C 253 -19.22 -1.61 -8.62
N ALA C 254 -18.94 -1.44 -7.33
CA ALA C 254 -19.50 -2.32 -6.31
C ALA C 254 -21.03 -2.18 -6.29
N TYR C 255 -21.50 -0.94 -6.33
CA TYR C 255 -22.94 -0.68 -6.39
C TYR C 255 -23.53 -1.32 -7.65
N ALA C 256 -22.89 -1.09 -8.80
CA ALA C 256 -23.39 -1.62 -10.07
C ALA C 256 -23.38 -3.15 -10.11
N GLY C 257 -22.36 -3.76 -9.54
CA GLY C 257 -22.25 -5.21 -9.49
C GLY C 257 -23.28 -5.84 -8.57
N ALA C 258 -23.46 -5.23 -7.40
CA ALA C 258 -24.50 -5.65 -6.45
C ALA C 258 -25.87 -5.58 -7.12
N ARG C 259 -26.17 -4.44 -7.74
CA ARG C 259 -27.44 -4.25 -8.42
C ARG C 259 -27.72 -5.38 -9.41
N PHE C 260 -26.72 -5.70 -10.23
CA PHE C 260 -26.91 -6.73 -11.25
C PHE C 260 -27.16 -8.10 -10.62
N VAL C 261 -26.41 -8.41 -9.57
CA VAL C 261 -26.55 -9.71 -8.88
C VAL C 261 -27.93 -9.85 -8.26
N PHE C 262 -28.41 -8.78 -7.61
CA PHE C 262 -29.73 -8.77 -7.02
C PHE C 262 -30.83 -8.99 -8.08
N SER C 263 -30.73 -8.26 -9.19
CA SER C 263 -31.65 -8.45 -10.32
C SER C 263 -31.68 -9.91 -10.75
N LEU C 264 -30.50 -10.49 -10.93
CA LEU C 264 -30.38 -11.88 -11.38
C LEU C 264 -30.97 -12.88 -10.38
N VAL C 265 -30.76 -12.63 -9.09
CA VAL C 265 -31.25 -13.54 -8.04
C VAL C 265 -32.76 -13.42 -7.88
N ASP C 266 -33.27 -12.19 -7.94
CA ASP C 266 -34.72 -11.99 -7.96
C ASP C 266 -35.35 -12.86 -9.05
N ALA C 267 -34.84 -12.71 -10.27
CA ALA C 267 -35.31 -13.50 -11.41
C ALA C 267 -35.21 -15.01 -11.18
N MET C 268 -34.16 -15.45 -10.48
CA MET C 268 -33.97 -16.85 -10.14
C MET C 268 -34.98 -17.38 -9.11
N ASN C 269 -35.58 -16.48 -8.33
CA ASN C 269 -36.62 -16.85 -7.38
C ASN C 269 -38.04 -16.55 -7.91
N GLY C 270 -38.19 -16.42 -9.22
CA GLY C 270 -39.49 -16.30 -9.86
C GLY C 270 -40.02 -14.89 -10.09
N LYS C 271 -39.23 -13.88 -9.73
CA LYS C 271 -39.61 -12.48 -9.96
C LYS C 271 -39.78 -12.24 -11.45
N GLU C 272 -40.86 -11.54 -11.83
CA GLU C 272 -41.18 -11.32 -13.24
C GLU C 272 -40.95 -9.87 -13.67
N GLY C 273 -40.73 -9.69 -14.98
CA GLY C 273 -40.47 -8.36 -15.54
C GLY C 273 -39.09 -7.81 -15.25
N VAL C 274 -38.16 -8.66 -14.80
CA VAL C 274 -36.81 -8.24 -14.45
C VAL C 274 -35.96 -8.07 -15.70
N VAL C 275 -35.56 -6.82 -15.98
CA VAL C 275 -34.81 -6.49 -17.18
C VAL C 275 -33.49 -5.77 -16.85
N GLU C 276 -32.38 -6.33 -17.33
CA GLU C 276 -31.06 -5.69 -17.21
C GLU C 276 -30.30 -5.85 -18.52
N CYS C 277 -29.70 -4.75 -18.98
CA CYS C 277 -28.72 -4.82 -20.06
C CYS C 277 -27.50 -5.58 -19.56
N SER C 278 -26.88 -6.34 -20.46
CA SER C 278 -25.64 -7.05 -20.15
C SER C 278 -25.02 -7.59 -21.44
N PHE C 279 -23.69 -7.62 -21.48
CA PHE C 279 -22.95 -8.10 -22.63
C PHE C 279 -22.92 -9.62 -22.63
N VAL C 280 -23.62 -10.23 -23.59
CA VAL C 280 -23.81 -11.69 -23.64
C VAL C 280 -23.65 -12.22 -25.06
N LYS C 281 -23.67 -13.55 -25.19
CA LYS C 281 -23.78 -14.21 -26.49
C LYS C 281 -25.08 -13.72 -27.17
N SER C 282 -24.96 -13.21 -28.39
CA SER C 282 -26.04 -12.49 -29.04
C SER C 282 -26.13 -12.79 -30.55
N GLN C 283 -27.36 -12.84 -31.07
CA GLN C 283 -27.61 -12.97 -32.51
C GLN C 283 -28.31 -11.72 -33.08
N GLU C 284 -28.35 -10.64 -32.30
CA GLU C 284 -29.10 -9.43 -32.64
C GLU C 284 -28.42 -8.61 -33.73
N THR C 285 -27.09 -8.72 -33.80
CA THR C 285 -26.30 -8.06 -34.83
C THR C 285 -25.35 -9.11 -35.40
N GLU C 286 -24.43 -8.69 -36.27
CA GLU C 286 -23.39 -9.59 -36.79
C GLU C 286 -22.28 -9.85 -35.75
N CYS C 287 -22.32 -9.12 -34.63
CA CYS C 287 -21.42 -9.39 -33.50
C CYS C 287 -21.94 -10.59 -32.72
N THR C 288 -21.07 -11.56 -32.47
CA THR C 288 -21.43 -12.78 -31.75
C THR C 288 -21.68 -12.53 -30.26
N TYR C 289 -21.16 -11.41 -29.74
CA TYR C 289 -21.43 -10.97 -28.38
C TYR C 289 -21.83 -9.49 -28.42
N PHE C 290 -22.85 -9.13 -27.65
CA PHE C 290 -23.44 -7.79 -27.73
C PHE C 290 -24.32 -7.56 -26.51
N SER C 291 -24.41 -6.30 -26.08
CA SER C 291 -25.20 -5.92 -24.92
C SER C 291 -26.55 -5.33 -25.34
N THR C 292 -27.63 -5.92 -24.84
CA THR C 292 -28.98 -5.40 -25.04
C THR C 292 -29.81 -5.69 -23.79
N PRO C 293 -30.96 -5.03 -23.64
CA PRO C 293 -31.87 -5.39 -22.56
C PRO C 293 -32.23 -6.87 -22.62
N LEU C 294 -32.16 -7.54 -21.48
CA LEU C 294 -32.48 -8.95 -21.39
C LEU C 294 -33.53 -9.16 -20.31
N LEU C 295 -34.60 -9.87 -20.66
CA LEU C 295 -35.53 -10.37 -19.66
C LEU C 295 -34.86 -11.55 -18.98
N LEU C 296 -34.78 -11.50 -17.65
CA LEU C 296 -34.12 -12.55 -16.88
C LEU C 296 -35.18 -13.46 -16.26
N GLY C 297 -34.85 -14.76 -16.19
CA GLY C 297 -35.75 -15.75 -15.62
C GLY C 297 -35.00 -16.77 -14.77
N LYS C 298 -35.61 -17.93 -14.58
CA LYS C 298 -35.04 -18.96 -13.70
C LYS C 298 -33.79 -19.60 -14.29
N LYS C 299 -33.67 -19.62 -15.61
CA LYS C 299 -32.54 -20.26 -16.30
C LYS C 299 -31.54 -19.22 -16.81
N GLY C 300 -31.48 -18.07 -16.16
CA GLY C 300 -30.65 -16.97 -16.60
C GLY C 300 -31.40 -16.08 -17.58
N ILE C 301 -30.95 -16.03 -18.83
CA ILE C 301 -31.62 -15.22 -19.85
C ILE C 301 -32.91 -15.91 -20.30
N GLU C 302 -34.04 -15.25 -20.07
CA GLU C 302 -35.34 -15.74 -20.54
C GLU C 302 -35.54 -15.34 -22.00
N LYS C 303 -35.23 -14.08 -22.32
CA LYS C 303 -35.42 -13.56 -23.66
C LYS C 303 -34.55 -12.33 -23.87
N ASN C 304 -33.79 -12.33 -24.98
CA ASN C 304 -33.06 -11.15 -25.40
C ASN C 304 -34.04 -10.19 -26.05
N LEU C 305 -34.27 -9.05 -25.42
CA LEU C 305 -35.29 -8.09 -25.91
C LEU C 305 -34.82 -7.29 -27.12
N GLY C 306 -33.55 -7.41 -27.49
CA GLY C 306 -33.03 -6.81 -28.73
C GLY C 306 -32.81 -5.31 -28.66
N ILE C 307 -32.36 -4.75 -29.78
CA ILE C 307 -32.04 -3.33 -29.87
C ILE C 307 -33.31 -2.47 -29.86
N GLY C 308 -34.33 -2.88 -30.62
CA GLY C 308 -35.58 -2.13 -30.72
C GLY C 308 -35.45 -0.90 -31.61
N LYS C 309 -36.42 0.00 -31.47
CA LYS C 309 -36.50 1.21 -32.31
C LYS C 309 -35.49 2.25 -31.83
N VAL C 310 -34.69 2.79 -32.74
CA VAL C 310 -33.64 3.75 -32.39
C VAL C 310 -33.53 4.89 -33.40
N SER C 311 -32.88 5.98 -32.98
CA SER C 311 -32.71 7.16 -33.83
C SER C 311 -31.62 6.94 -34.88
N SER C 312 -31.44 7.94 -35.75
CA SER C 312 -30.40 7.91 -36.78
C SER C 312 -29.03 8.01 -36.11
N PHE C 313 -28.93 8.94 -35.17
CA PHE C 313 -27.73 9.14 -34.36
C PHE C 313 -27.31 7.85 -33.66
N GLU C 314 -28.29 7.13 -33.12
CA GLU C 314 -28.02 5.87 -32.43
C GLU C 314 -27.67 4.74 -33.41
N GLU C 315 -28.27 4.77 -34.60
CA GLU C 315 -27.94 3.80 -35.66
C GLU C 315 -26.49 4.01 -36.13
N LYS C 316 -26.07 5.26 -36.24
CA LYS C 316 -24.71 5.59 -36.65
C LYS C 316 -23.68 5.03 -35.65
N MET C 317 -23.95 5.21 -34.36
CA MET C 317 -23.06 4.70 -33.31
C MET C 317 -22.97 3.17 -33.30
N ILE C 318 -24.11 2.51 -33.51
CA ILE C 318 -24.13 1.04 -33.55
C ILE C 318 -23.26 0.56 -34.71
N SER C 319 -23.53 1.09 -35.90
CA SER C 319 -22.75 0.76 -37.09
C SER C 319 -21.27 1.03 -36.90
N ASP C 320 -20.93 2.14 -36.22
CA ASP C 320 -19.53 2.51 -35.97
C ASP C 320 -18.87 1.62 -34.93
N ALA C 321 -19.66 1.03 -34.04
CA ALA C 321 -19.13 0.22 -32.94
C ALA C 321 -18.76 -1.21 -33.32
N ILE C 322 -19.34 -1.73 -34.40
CA ILE C 322 -19.25 -3.16 -34.73
C ILE C 322 -17.82 -3.67 -35.02
N PRO C 323 -17.02 -2.91 -35.80
CA PRO C 323 -15.64 -3.35 -36.06
C PRO C 323 -14.79 -3.48 -34.79
N GLU C 324 -14.89 -2.51 -33.89
CA GLU C 324 -14.16 -2.57 -32.63
C GLU C 324 -14.62 -3.77 -31.80
N LEU C 325 -15.94 -3.97 -31.72
CA LEU C 325 -16.50 -5.11 -30.99
C LEU C 325 -15.99 -6.45 -31.52
N LYS C 326 -16.07 -6.66 -32.84
CA LYS C 326 -15.62 -7.90 -33.45
C LYS C 326 -14.11 -8.14 -33.25
N ALA C 327 -13.32 -7.08 -33.32
CA ALA C 327 -11.88 -7.18 -33.07
C ALA C 327 -11.60 -7.63 -31.64
N SER C 328 -12.30 -7.04 -30.68
CA SER C 328 -12.16 -7.42 -29.27
C SER C 328 -12.66 -8.85 -29.04
N ILE C 329 -13.82 -9.17 -29.60
CA ILE C 329 -14.37 -10.53 -29.50
C ILE C 329 -13.36 -11.57 -29.98
N LYS C 330 -12.78 -11.32 -31.16
CA LYS C 330 -11.80 -12.22 -31.76
C LYS C 330 -10.50 -12.30 -30.94
N LYS C 331 -10.09 -11.18 -30.36
CA LYS C 331 -8.89 -11.12 -29.51
C LYS C 331 -9.01 -12.04 -28.28
N GLY C 332 -10.19 -12.07 -27.66
CA GLY C 332 -10.46 -12.98 -26.55
C GLY C 332 -10.50 -14.44 -26.97
N GLU C 333 -11.18 -14.73 -28.08
CA GLU C 333 -11.26 -16.09 -28.63
C GLU C 333 -9.88 -16.62 -28.98
N ASP C 334 -9.09 -15.81 -29.68
CA ASP C 334 -7.72 -16.19 -30.06
C ASP C 334 -6.82 -16.48 -28.86
N PHE C 335 -7.02 -15.76 -27.75
CA PHE C 335 -6.24 -15.99 -26.53
C PHE C 335 -6.49 -17.37 -25.94
N VAL C 336 -7.76 -17.78 -25.89
CA VAL C 336 -8.12 -19.10 -25.39
C VAL C 336 -7.57 -20.18 -26.32
N LYS C 337 -7.54 -19.88 -27.62
CA LYS C 337 -7.01 -20.80 -28.62
C LYS C 337 -5.56 -21.18 -28.32
N THR C 338 -4.80 -20.25 -27.75
CA THR C 338 -3.41 -20.49 -27.35
C THR C 338 -3.26 -21.16 -25.96
N LEU C 339 -4.33 -21.74 -25.43
CA LEU C 339 -4.26 -22.45 -24.13
C LEU C 339 -4.49 -23.95 -24.32
N ASN D 26 -33.19 14.67 2.94
CA ASN D 26 -32.79 16.10 3.15
C ASN D 26 -31.53 16.33 4.01
N ALA D 27 -30.95 15.26 4.55
CA ALA D 27 -29.82 15.38 5.49
C ALA D 27 -28.48 15.57 4.78
N LYS D 28 -27.73 16.57 5.21
CA LYS D 28 -26.42 16.87 4.65
C LYS D 28 -25.35 16.28 5.57
N VAL D 29 -24.66 15.25 5.06
CA VAL D 29 -23.69 14.49 5.84
C VAL D 29 -22.26 14.76 5.37
N ALA D 30 -21.39 15.09 6.33
CA ALA D 30 -19.96 15.20 6.09
C ALA D 30 -19.25 13.96 6.61
N VAL D 31 -18.30 13.44 5.83
CA VAL D 31 -17.41 12.37 6.28
C VAL D 31 -15.96 12.90 6.29
N LEU D 32 -15.35 12.88 7.47
CA LEU D 32 -13.99 13.36 7.67
C LEU D 32 -13.07 12.15 7.85
N GLY D 33 -12.17 11.97 6.89
CA GLY D 33 -11.41 10.73 6.75
C GLY D 33 -12.00 9.82 5.69
N ALA D 34 -12.66 10.42 4.70
CA ALA D 34 -13.45 9.67 3.69
C ALA D 34 -12.67 8.74 2.77
N SER D 35 -11.35 8.89 2.68
CA SER D 35 -10.55 8.07 1.76
C SER D 35 -10.04 6.79 2.40
N GLY D 36 -10.24 6.65 3.71
CA GLY D 36 -9.68 5.52 4.47
C GLY D 36 -10.42 4.21 4.27
N GLY D 37 -9.96 3.17 4.96
CA GLY D 37 -10.57 1.85 4.88
C GLY D 37 -12.04 1.84 5.34
N ILE D 38 -12.36 2.64 6.35
CA ILE D 38 -13.74 2.81 6.79
C ILE D 38 -14.46 3.84 5.94
N GLY D 39 -13.78 4.96 5.72
CA GLY D 39 -14.35 6.13 5.05
C GLY D 39 -14.98 5.85 3.69
N GLN D 40 -14.36 4.97 2.91
CA GLN D 40 -14.83 4.72 1.55
C GLN D 40 -16.11 3.86 1.50
N PRO D 41 -16.09 2.66 2.10
CA PRO D 41 -17.36 1.91 2.15
C PRO D 41 -18.43 2.62 2.97
N LEU D 42 -18.04 3.37 4.00
CA LEU D 42 -19.01 4.17 4.75
C LEU D 42 -19.67 5.18 3.80
N SER D 43 -18.85 5.94 3.08
CA SER D 43 -19.36 6.93 2.13
C SER D 43 -20.24 6.28 1.06
N LEU D 44 -19.94 5.04 0.69
CA LEU D 44 -20.76 4.29 -0.27
C LEU D 44 -22.17 4.06 0.30
N LEU D 45 -22.23 3.49 1.50
CA LEU D 45 -23.50 3.19 2.14
C LEU D 45 -24.34 4.44 2.31
N LEU D 46 -23.69 5.55 2.66
CA LEU D 46 -24.35 6.85 2.79
C LEU D 46 -24.91 7.33 1.45
N LYS D 47 -24.07 7.25 0.40
CA LYS D 47 -24.48 7.64 -0.95
C LYS D 47 -25.68 6.81 -1.43
N ASN D 48 -25.72 5.52 -1.07
CA ASN D 48 -26.82 4.64 -1.45
C ASN D 48 -28.18 4.95 -0.81
N SER D 49 -28.20 5.74 0.26
CA SER D 49 -29.42 6.01 1.02
C SER D 49 -30.17 7.25 0.54
N PRO D 50 -31.50 7.15 0.39
CA PRO D 50 -32.31 8.32 0.05
C PRO D 50 -32.49 9.34 1.20
N LEU D 51 -31.95 9.03 2.38
CA LEU D 51 -31.94 9.95 3.52
C LEU D 51 -30.89 11.05 3.37
N VAL D 52 -29.91 10.86 2.50
CA VAL D 52 -28.80 11.81 2.36
C VAL D 52 -29.00 12.61 1.08
N SER D 53 -29.09 13.92 1.20
CA SER D 53 -29.27 14.80 0.03
C SER D 53 -27.95 15.42 -0.44
N ARG D 54 -26.97 15.49 0.47
CA ARG D 54 -25.65 16.02 0.15
C ARG D 54 -24.60 15.28 0.98
N LEU D 55 -23.56 14.80 0.29
CA LEU D 55 -22.49 14.03 0.91
C LEU D 55 -21.17 14.72 0.61
N THR D 56 -20.65 15.44 1.60
CA THR D 56 -19.39 16.15 1.46
C THR D 56 -18.30 15.30 2.10
N LEU D 57 -17.27 14.97 1.33
CA LEU D 57 -16.20 14.07 1.74
C LEU D 57 -14.91 14.84 1.98
N TYR D 58 -14.23 14.52 3.08
CA TYR D 58 -12.98 15.19 3.43
C TYR D 58 -11.89 14.18 3.79
N ASP D 59 -10.67 14.51 3.40
CA ASP D 59 -9.48 13.77 3.78
C ASP D 59 -8.26 14.63 3.43
N ILE D 60 -7.08 14.14 3.78
CA ILE D 60 -5.82 14.80 3.43
C ILE D 60 -5.23 14.25 2.13
N ALA D 61 -5.83 13.19 1.60
CA ALA D 61 -5.46 12.63 0.31
C ALA D 61 -6.61 11.85 -0.30
N HIS D 62 -6.61 11.79 -1.63
CA HIS D 62 -7.45 10.88 -2.44
C HIS D 62 -8.94 11.21 -2.56
N THR D 63 -9.45 12.20 -1.83
CA THR D 63 -10.89 12.50 -1.81
C THR D 63 -11.54 12.87 -3.16
N PRO D 64 -10.82 13.62 -4.02
CA PRO D 64 -11.44 13.97 -5.30
C PRO D 64 -11.80 12.76 -6.14
N GLY D 65 -10.93 11.74 -6.13
CA GLY D 65 -11.19 10.50 -6.87
C GLY D 65 -12.30 9.68 -6.25
N VAL D 66 -12.36 9.68 -4.92
CA VAL D 66 -13.43 8.99 -4.22
C VAL D 66 -14.77 9.66 -4.55
N ALA D 67 -14.79 11.00 -4.46
CA ALA D 67 -15.99 11.77 -4.78
C ALA D 67 -16.44 11.55 -6.23
N ALA D 68 -15.49 11.53 -7.16
CA ALA D 68 -15.79 11.25 -8.57
C ALA D 68 -16.43 9.88 -8.75
N ASP D 69 -15.86 8.88 -8.08
CA ASP D 69 -16.37 7.51 -8.09
C ASP D 69 -17.84 7.44 -7.62
N LEU D 70 -18.11 7.92 -6.41
CA LEU D 70 -19.45 7.88 -5.83
C LEU D 70 -20.48 8.78 -6.56
N SER D 71 -20.01 9.85 -7.21
CA SER D 71 -20.92 10.79 -7.90
C SER D 71 -21.70 10.13 -9.04
N HIS D 72 -21.20 9.00 -9.56
CA HIS D 72 -21.87 8.31 -10.66
C HIS D 72 -23.02 7.38 -10.20
N ILE D 73 -23.20 7.19 -8.90
CA ILE D 73 -24.25 6.30 -8.43
C ILE D 73 -25.63 6.96 -8.54
N GLU D 74 -26.59 6.19 -9.04
CA GLU D 74 -27.95 6.65 -9.35
C GLU D 74 -28.83 6.93 -8.13
N THR D 75 -28.35 7.78 -7.22
CA THR D 75 -29.14 8.22 -6.07
C THR D 75 -29.08 9.73 -5.97
N LYS D 76 -29.96 10.30 -5.14
CA LYS D 76 -30.17 11.75 -5.11
C LYS D 76 -28.96 12.53 -4.59
N ALA D 77 -28.14 11.91 -3.74
CA ALA D 77 -27.12 12.64 -2.97
C ALA D 77 -26.08 13.32 -3.86
N ALA D 78 -25.95 14.62 -3.71
CA ALA D 78 -24.90 15.39 -4.37
C ALA D 78 -23.58 15.16 -3.63
N VAL D 79 -22.64 14.51 -4.32
CA VAL D 79 -21.34 14.18 -3.75
C VAL D 79 -20.30 15.22 -4.15
N LYS D 80 -19.60 15.77 -3.15
CA LYS D 80 -18.54 16.74 -3.37
C LYS D 80 -17.32 16.32 -2.55
N GLY D 81 -16.13 16.60 -3.09
CA GLY D 81 -14.88 16.18 -2.49
C GLY D 81 -14.06 17.38 -2.05
N TYR D 82 -13.35 17.24 -0.94
CA TYR D 82 -12.58 18.31 -0.35
C TYR D 82 -11.28 17.74 0.19
N LEU D 83 -10.20 18.51 0.04
CA LEU D 83 -8.84 18.01 0.23
C LEU D 83 -7.95 19.04 0.91
N GLY D 84 -7.40 18.68 2.07
CA GLY D 84 -6.47 19.53 2.82
C GLY D 84 -7.16 20.55 3.70
N PRO D 85 -6.47 21.04 4.76
CA PRO D 85 -7.08 21.94 5.77
C PRO D 85 -7.76 23.21 5.22
N GLU D 86 -7.29 23.68 4.07
CA GLU D 86 -7.81 24.91 3.45
C GLU D 86 -9.25 24.73 2.97
N GLN D 87 -9.63 23.48 2.64
CA GLN D 87 -10.97 23.16 2.14
C GLN D 87 -11.92 22.55 3.19
N LEU D 88 -11.43 22.33 4.41
CA LEU D 88 -12.23 21.73 5.46
C LEU D 88 -13.46 22.59 5.85
N PRO D 89 -13.27 23.92 5.97
CA PRO D 89 -14.44 24.76 6.29
C PRO D 89 -15.59 24.62 5.29
N ASP D 90 -15.27 24.51 4.01
CA ASP D 90 -16.29 24.42 2.95
C ASP D 90 -16.95 23.05 2.90
N CYS D 91 -16.24 22.01 3.36
CA CYS D 91 -16.82 20.68 3.49
C CYS D 91 -17.91 20.66 4.56
N LEU D 92 -17.70 21.44 5.62
CA LEU D 92 -18.55 21.38 6.81
C LEU D 92 -19.76 22.31 6.80
N LYS D 93 -19.72 23.37 5.99
CA LYS D 93 -20.76 24.40 6.06
C LYS D 93 -22.14 23.89 5.67
N GLY D 94 -23.13 24.17 6.52
CA GLY D 94 -24.50 23.74 6.31
C GLY D 94 -24.79 22.30 6.70
N CYS D 95 -23.83 21.62 7.33
CA CYS D 95 -23.96 20.19 7.60
C CYS D 95 -24.91 19.90 8.77
N ASP D 96 -25.64 18.80 8.65
CA ASP D 96 -26.52 18.31 9.71
C ASP D 96 -25.83 17.26 10.57
N VAL D 97 -24.94 16.50 9.93
CA VAL D 97 -24.23 15.40 10.57
C VAL D 97 -22.79 15.41 10.09
N VAL D 98 -21.86 15.12 10.99
CA VAL D 98 -20.46 14.91 10.63
C VAL D 98 -20.01 13.60 11.25
N VAL D 99 -19.52 12.69 10.42
CA VAL D 99 -18.96 11.41 10.86
C VAL D 99 -17.44 11.47 10.71
N ILE D 100 -16.72 10.99 11.71
CA ILE D 100 -15.28 11.17 11.76
C ILE D 100 -14.55 9.85 11.93
N PRO D 101 -14.40 9.09 10.83
CA PRO D 101 -13.51 7.93 10.84
C PRO D 101 -12.03 8.30 10.66
N ALA D 102 -11.69 9.57 10.47
CA ALA D 102 -10.30 9.97 10.34
C ALA D 102 -9.49 9.52 11.56
N GLY D 103 -8.37 8.86 11.33
CA GLY D 103 -7.54 8.37 12.43
C GLY D 103 -6.70 7.17 12.02
N VAL D 104 -5.67 6.90 12.80
CA VAL D 104 -4.79 5.76 12.55
C VAL D 104 -5.41 4.54 13.19
N PRO D 105 -5.47 3.41 12.46
CA PRO D 105 -5.98 2.17 13.04
C PRO D 105 -4.88 1.35 13.72
N ARG D 106 -5.24 0.24 14.36
CA ARG D 106 -4.29 -0.58 15.10
C ARG D 106 -3.55 -1.58 14.22
N LYS D 107 -2.35 -1.95 14.69
CA LYS D 107 -1.65 -3.13 14.23
C LYS D 107 -1.79 -4.19 15.32
N PRO D 108 -1.61 -5.47 14.97
CA PRO D 108 -1.62 -6.54 15.98
C PRO D 108 -0.67 -6.26 17.14
N GLY D 109 -1.15 -6.50 18.37
CA GLY D 109 -0.37 -6.23 19.58
C GLY D 109 -0.67 -4.89 20.24
N MET D 110 -1.17 -3.93 19.47
CA MET D 110 -1.51 -2.61 20.01
C MET D 110 -2.85 -2.64 20.74
N THR D 111 -2.97 -1.81 21.79
CA THR D 111 -4.26 -1.49 22.38
C THR D 111 -4.82 -0.28 21.65
N ARG D 112 -6.12 -0.03 21.81
CA ARG D 112 -6.74 1.17 21.23
C ARG D 112 -6.12 2.42 21.83
N ASP D 113 -5.67 2.29 23.08
CA ASP D 113 -5.03 3.37 23.83
C ASP D 113 -3.64 3.73 23.32
N ASP D 114 -2.97 2.79 22.66
CA ASP D 114 -1.66 3.06 22.04
C ASP D 114 -1.77 4.05 20.88
N LEU D 115 -2.99 4.21 20.35
CA LEU D 115 -3.27 5.18 19.29
C LEU D 115 -3.55 6.58 19.81
N PHE D 116 -3.69 6.73 21.13
CA PHE D 116 -4.19 7.96 21.71
C PHE D 116 -3.42 9.18 21.21
N ASN D 117 -2.11 9.17 21.40
CA ASN D 117 -1.29 10.33 21.07
C ASN D 117 -1.49 10.82 19.64
N THR D 118 -1.38 9.89 18.69
CA THR D 118 -1.61 10.18 17.27
C THR D 118 -3.01 10.69 16.97
N ASN D 119 -4.01 9.89 17.35
CA ASN D 119 -5.41 10.19 17.02
C ASN D 119 -5.97 11.37 17.79
N ALA D 120 -5.42 11.65 18.97
CA ALA D 120 -5.86 12.79 19.75
C ALA D 120 -5.79 14.08 18.93
N THR D 121 -4.63 14.35 18.35
CA THR D 121 -4.42 15.59 17.59
C THR D 121 -5.30 15.67 16.35
N ILE D 122 -5.57 14.52 15.73
CA ILE D 122 -6.47 14.46 14.57
C ILE D 122 -7.90 14.84 14.96
N VAL D 123 -8.40 14.28 16.07
CA VAL D 123 -9.77 14.57 16.52
C VAL D 123 -9.93 16.02 16.98
N ALA D 124 -8.97 16.50 17.77
CA ALA D 124 -9.02 17.87 18.27
C ALA D 124 -9.07 18.88 17.12
N THR D 125 -8.19 18.71 16.15
CA THR D 125 -8.11 19.62 15.01
C THR D 125 -9.41 19.58 14.19
N LEU D 126 -9.90 18.37 13.92
CA LEU D 126 -11.11 18.22 13.10
C LEU D 126 -12.36 18.73 13.82
N THR D 127 -12.46 18.47 15.11
CA THR D 127 -13.64 18.90 15.88
C THR D 127 -13.64 20.41 16.13
N ALA D 128 -12.47 21.03 16.13
CA ALA D 128 -12.38 22.49 16.28
C ALA D 128 -13.01 23.17 15.07
N ALA D 129 -12.65 22.70 13.87
CA ALA D 129 -13.28 23.15 12.63
C ALA D 129 -14.80 22.96 12.68
N CYS D 130 -15.24 21.81 13.17
CA CYS D 130 -16.67 21.52 13.34
C CYS D 130 -17.32 22.56 14.27
N ALA D 131 -16.71 22.79 15.44
CA ALA D 131 -17.22 23.80 16.38
C ALA D 131 -17.26 25.19 15.75
N GLN D 132 -16.28 25.50 14.90
CA GLN D 132 -16.21 26.79 14.23
C GLN D 132 -17.19 26.92 13.06
N HIS D 133 -17.42 25.82 12.33
CA HIS D 133 -18.11 25.90 11.02
C HIS D 133 -19.44 25.16 10.91
N CYS D 134 -19.70 24.19 11.80
CA CYS D 134 -21.01 23.56 11.90
C CYS D 134 -21.30 23.15 13.34
N PRO D 135 -21.32 24.13 14.27
CA PRO D 135 -21.50 23.86 15.70
C PRO D 135 -22.84 23.19 16.04
N GLU D 136 -23.85 23.39 15.20
CA GLU D 136 -25.19 22.81 15.41
C GLU D 136 -25.29 21.35 14.97
N ALA D 137 -24.26 20.85 14.29
CA ALA D 137 -24.33 19.53 13.67
C ALA D 137 -24.21 18.41 14.71
N MET D 138 -24.73 17.23 14.35
CA MET D 138 -24.49 16.03 15.14
C MET D 138 -23.06 15.58 14.84
N ILE D 139 -22.26 15.38 15.88
CA ILE D 139 -20.87 14.96 15.73
C ILE D 139 -20.68 13.50 16.15
N CYS D 140 -20.36 12.66 15.18
CA CYS D 140 -20.20 11.22 15.40
C CYS D 140 -18.73 10.80 15.23
N VAL D 141 -18.07 10.54 16.35
CA VAL D 141 -16.66 10.16 16.35
C VAL D 141 -16.49 8.65 16.31
N ILE D 142 -15.85 8.17 15.24
CA ILE D 142 -15.49 6.76 15.11
C ILE D 142 -14.04 6.53 15.56
N ALA D 143 -13.18 7.53 15.36
CA ALA D 143 -11.74 7.41 15.67
C ALA D 143 -11.47 6.93 17.10
N ASN D 144 -10.51 6.01 17.24
CA ASN D 144 -10.13 5.47 18.54
C ASN D 144 -8.99 6.23 19.22
N PRO D 145 -8.85 6.08 20.54
CA PRO D 145 -9.78 5.37 21.44
C PRO D 145 -11.02 6.23 21.73
N VAL D 146 -12.21 5.67 21.46
CA VAL D 146 -13.47 6.41 21.61
C VAL D 146 -13.66 6.90 23.05
N ASN D 147 -13.25 6.09 24.01
CA ASN D 147 -13.33 6.46 25.43
C ASN D 147 -12.61 7.77 25.77
N SER D 148 -11.55 8.11 25.02
CA SER D 148 -10.84 9.38 25.21
C SER D 148 -11.17 10.44 24.16
N THR D 149 -11.49 10.03 22.94
CA THR D 149 -11.66 11.00 21.85
C THR D 149 -12.97 11.78 21.95
N ILE D 150 -14.00 11.15 22.50
CA ILE D 150 -15.26 11.87 22.76
C ILE D 150 -15.08 12.98 23.81
N PRO D 151 -14.41 12.69 24.93
CA PRO D 151 -14.09 13.77 25.85
C PRO D 151 -13.30 14.92 25.19
N ILE D 152 -12.36 14.57 24.31
CA ILE D 152 -11.57 15.57 23.60
C ILE D 152 -12.47 16.45 22.75
N THR D 153 -13.45 15.82 22.09
CA THR D 153 -14.41 16.54 21.28
C THR D 153 -15.26 17.48 22.14
N ALA D 154 -15.69 17.00 23.29
CA ALA D 154 -16.52 17.79 24.19
C ALA D 154 -15.76 19.02 24.69
N GLU D 155 -14.53 18.81 25.12
CA GLU D 155 -13.70 19.91 25.63
C GLU D 155 -13.36 20.91 24.53
N VAL D 156 -13.12 20.43 23.32
CA VAL D 156 -12.87 21.33 22.19
C VAL D 156 -14.10 22.19 21.92
N PHE D 157 -15.27 21.57 21.86
CA PHE D 157 -16.51 22.32 21.67
C PHE D 157 -16.77 23.32 22.80
N LYS D 158 -16.49 22.91 24.03
CA LYS D 158 -16.59 23.82 25.19
C LYS D 158 -15.70 25.03 25.01
N LYS D 159 -14.44 24.78 24.67
CA LYS D 159 -13.45 25.83 24.45
C LYS D 159 -13.90 26.89 23.43
N HIS D 160 -14.76 26.49 22.49
CA HIS D 160 -15.29 27.40 21.48
C HIS D 160 -16.68 27.95 21.81
N GLY D 161 -17.23 27.53 22.96
CA GLY D 161 -18.50 28.07 23.45
C GLY D 161 -19.72 27.59 22.69
N VAL D 162 -19.69 26.34 22.23
CA VAL D 162 -20.81 25.76 21.48
C VAL D 162 -21.12 24.31 21.88
N TYR D 163 -20.74 23.93 23.10
CA TYR D 163 -20.92 22.57 23.58
C TYR D 163 -22.39 22.21 23.81
N ASN D 164 -22.92 21.30 22.99
CA ASN D 164 -24.23 20.70 23.21
C ASN D 164 -24.04 19.18 23.41
N PRO D 165 -24.19 18.71 24.66
CA PRO D 165 -23.95 17.29 24.98
C PRO D 165 -24.95 16.32 24.35
N ASN D 166 -26.06 16.84 23.82
CA ASN D 166 -27.04 16.02 23.11
C ASN D 166 -26.66 15.72 21.66
N LYS D 167 -25.59 16.32 21.15
CA LYS D 167 -25.23 16.19 19.73
C LYS D 167 -23.86 15.57 19.49
N ILE D 168 -23.20 15.09 20.54
CA ILE D 168 -21.87 14.52 20.42
C ILE D 168 -21.94 13.04 20.75
N PHE D 169 -21.60 12.20 19.77
CA PHE D 169 -21.77 10.75 19.87
C PHE D 169 -20.49 9.96 19.60
N GLY D 170 -20.08 9.13 20.56
CA GLY D 170 -19.04 8.14 20.34
C GLY D 170 -19.68 6.89 19.74
N VAL D 171 -19.27 6.52 18.53
CA VAL D 171 -19.91 5.43 17.82
C VAL D 171 -19.43 4.08 18.33
N THR D 172 -20.29 3.44 19.11
CA THR D 172 -20.00 2.14 19.69
C THR D 172 -20.81 1.06 18.99
N THR D 173 -21.48 1.43 17.91
CA THR D 173 -22.49 0.59 17.30
C THR D 173 -21.98 -0.77 16.86
N LEU D 174 -20.73 -0.86 16.45
CA LEU D 174 -20.16 -2.15 15.98
C LEU D 174 -20.18 -3.21 17.09
N ASP D 175 -20.02 -2.78 18.34
CA ASP D 175 -20.13 -3.68 19.49
C ASP D 175 -21.52 -4.33 19.56
N ILE D 176 -22.55 -3.53 19.26
CA ILE D 176 -23.94 -4.02 19.27
C ILE D 176 -24.15 -4.98 18.10
N VAL D 177 -23.67 -4.59 16.93
CA VAL D 177 -23.75 -5.45 15.73
C VAL D 177 -23.06 -6.78 15.97
N ARG D 178 -21.89 -6.76 16.60
CA ARG D 178 -21.15 -7.99 16.90
C ARG D 178 -21.90 -8.88 17.88
N ALA D 179 -22.37 -8.27 18.96
CA ALA D 179 -23.17 -8.97 19.97
C ALA D 179 -24.38 -9.67 19.35
N ASN D 180 -25.13 -8.93 18.55
CA ASN D 180 -26.33 -9.46 17.89
C ASN D 180 -26.01 -10.68 17.06
N THR D 181 -25.00 -10.54 16.21
CA THR D 181 -24.53 -11.59 15.32
C THR D 181 -24.08 -12.82 16.11
N PHE D 182 -23.25 -12.62 17.12
CA PHE D 182 -22.70 -13.74 17.89
C PHE D 182 -23.79 -14.50 18.64
N VAL D 183 -24.72 -13.77 19.25
CA VAL D 183 -25.87 -14.37 19.93
C VAL D 183 -26.75 -15.12 18.93
N ALA D 184 -27.07 -14.47 17.81
CA ALA D 184 -27.85 -15.09 16.75
C ALA D 184 -27.25 -16.41 16.27
N GLU D 185 -25.92 -16.45 16.19
CA GLU D 185 -25.22 -17.66 15.74
C GLU D 185 -25.37 -18.80 16.75
N LEU D 186 -25.20 -18.49 18.02
CA LEU D 186 -25.28 -19.51 19.08
C LEU D 186 -26.70 -20.07 19.30
N LYS D 187 -27.72 -19.25 19.04
CA LYS D 187 -29.12 -19.66 19.26
C LYS D 187 -29.90 -19.98 17.98
N GLY D 188 -29.21 -19.97 16.82
CA GLY D 188 -29.85 -20.29 15.54
C GLY D 188 -30.91 -19.30 15.11
N LEU D 189 -30.75 -18.04 15.50
CA LEU D 189 -31.71 -16.99 15.19
C LEU D 189 -31.26 -16.15 14.00
N ASP D 190 -32.19 -15.42 13.42
CA ASP D 190 -31.87 -14.41 12.44
C ASP D 190 -31.36 -13.19 13.20
N PRO D 191 -30.12 -12.75 12.90
CA PRO D 191 -29.56 -11.60 13.63
C PRO D 191 -30.25 -10.27 13.36
N ALA D 192 -31.06 -10.20 12.30
CA ALA D 192 -31.85 -9.00 12.01
C ALA D 192 -32.92 -8.76 13.09
N ARG D 193 -33.36 -9.81 13.77
CA ARG D 193 -34.34 -9.68 14.84
C ARG D 193 -33.75 -10.00 16.22
N VAL D 194 -32.46 -9.72 16.39
CA VAL D 194 -31.79 -9.81 17.69
C VAL D 194 -31.30 -8.42 18.05
N ASN D 195 -31.40 -8.06 19.33
CA ASN D 195 -30.92 -6.78 19.81
C ASN D 195 -30.33 -6.91 21.22
N VAL D 196 -29.02 -6.71 21.32
CA VAL D 196 -28.34 -6.75 22.60
C VAL D 196 -27.82 -5.36 22.96
N PRO D 197 -28.37 -4.76 24.04
CA PRO D 197 -27.78 -3.53 24.51
C PRO D 197 -26.36 -3.79 24.99
N VAL D 198 -25.44 -2.93 24.58
CA VAL D 198 -24.07 -2.97 25.05
C VAL D 198 -23.77 -1.59 25.62
N ILE D 199 -23.14 -1.58 26.80
CA ILE D 199 -22.97 -0.35 27.56
C ILE D 199 -21.54 -0.20 28.05
N GLY D 200 -21.24 0.92 28.69
CA GLY D 200 -19.91 1.22 29.19
C GLY D 200 -19.12 2.08 28.23
N GLY D 201 -18.08 1.50 27.63
CA GLY D 201 -17.25 2.18 26.64
C GLY D 201 -16.87 1.24 25.53
N HIS D 202 -15.91 1.67 24.72
CA HIS D 202 -15.45 0.90 23.57
C HIS D 202 -13.96 0.58 23.70
N ALA D 203 -13.64 -0.31 24.63
CA ALA D 203 -12.26 -0.79 24.83
C ALA D 203 -12.23 -1.92 25.85
N GLY D 204 -11.88 -3.12 25.40
CA GLY D 204 -11.65 -4.25 26.29
C GLY D 204 -12.76 -4.50 27.29
N LYS D 205 -12.42 -4.48 28.57
CA LYS D 205 -13.38 -4.81 29.63
C LYS D 205 -14.48 -3.76 29.81
N THR D 206 -14.31 -2.58 29.22
CA THR D 206 -15.33 -1.53 29.29
C THR D 206 -16.49 -1.79 28.34
N ILE D 207 -16.36 -2.79 27.48
CA ILE D 207 -17.43 -3.19 26.58
C ILE D 207 -18.29 -4.21 27.33
N ILE D 208 -19.52 -3.81 27.68
CA ILE D 208 -20.38 -4.62 28.53
C ILE D 208 -21.69 -4.96 27.82
N PRO D 209 -21.78 -6.17 27.25
CA PRO D 209 -23.02 -6.59 26.62
C PRO D 209 -24.04 -7.10 27.64
N LEU D 210 -25.19 -6.45 27.70
CA LEU D 210 -26.24 -6.84 28.65
C LEU D 210 -27.09 -7.94 28.02
N ILE D 211 -26.63 -9.18 28.14
CA ILE D 211 -27.33 -10.33 27.55
C ILE D 211 -28.67 -10.60 28.26
N SER D 212 -28.74 -10.25 29.54
CA SER D 212 -30.01 -10.33 30.30
C SER D 212 -31.13 -9.49 29.69
N GLN D 213 -30.77 -8.38 29.03
CA GLN D 213 -31.74 -7.51 28.36
C GLN D 213 -31.92 -7.83 26.87
N CYS D 214 -31.33 -8.94 26.40
CA CYS D 214 -31.43 -9.27 24.98
C CYS D 214 -32.87 -9.59 24.58
N THR D 215 -33.30 -9.11 23.43
CA THR D 215 -34.57 -9.52 22.81
C THR D 215 -34.23 -10.20 21.48
N PRO D 216 -34.73 -11.44 21.27
CA PRO D 216 -35.56 -12.22 22.19
C PRO D 216 -34.75 -12.71 23.40
N LYS D 217 -35.47 -13.18 24.42
CA LYS D 217 -34.86 -13.70 25.63
C LYS D 217 -33.96 -14.89 25.29
N VAL D 218 -32.76 -14.88 25.86
CA VAL D 218 -31.81 -15.96 25.68
C VAL D 218 -31.16 -16.25 27.02
N ASP D 219 -30.94 -17.53 27.30
CA ASP D 219 -30.35 -17.94 28.57
C ASP D 219 -29.20 -18.90 28.29
N PHE D 220 -27.99 -18.48 28.65
CA PHE D 220 -26.81 -19.30 28.50
C PHE D 220 -26.35 -19.73 29.87
N PRO D 221 -25.74 -20.92 29.99
CA PRO D 221 -25.06 -21.20 31.25
C PRO D 221 -23.84 -20.28 31.41
N GLN D 222 -23.38 -20.11 32.64
CA GLN D 222 -22.35 -19.13 32.95
C GLN D 222 -21.05 -19.35 32.15
N ASP D 223 -20.69 -20.61 31.93
CA ASP D 223 -19.47 -20.92 31.16
C ASP D 223 -19.53 -20.34 29.75
N GLN D 224 -20.67 -20.48 29.08
CA GLN D 224 -20.85 -19.98 27.72
C GLN D 224 -21.05 -18.46 27.68
N LEU D 225 -21.76 -17.93 28.68
CA LEU D 225 -22.00 -16.51 28.78
C LEU D 225 -20.71 -15.71 28.94
N THR D 226 -19.77 -16.26 29.71
CA THR D 226 -18.46 -15.63 29.90
C THR D 226 -17.66 -15.61 28.60
N ALA D 227 -17.70 -16.72 27.86
CA ALA D 227 -17.02 -16.82 26.58
C ALA D 227 -17.62 -15.86 25.56
N LEU D 228 -18.94 -15.87 25.45
CA LEU D 228 -19.66 -14.95 24.59
C LEU D 228 -19.27 -13.50 24.88
N THR D 229 -19.19 -13.19 26.17
CA THR D 229 -18.87 -11.85 26.63
C THR D 229 -17.43 -11.48 26.28
N GLY D 230 -16.50 -12.41 26.50
CA GLY D 230 -15.10 -12.25 26.10
C GLY D 230 -14.92 -12.08 24.59
N ARG D 231 -15.65 -12.90 23.82
CA ARG D 231 -15.65 -12.82 22.37
C ARG D 231 -16.02 -11.40 21.90
N ILE D 232 -17.12 -10.86 22.44
CA ILE D 232 -17.60 -9.54 22.05
C ILE D 232 -16.57 -8.46 22.41
N GLN D 233 -16.00 -8.57 23.60
CA GLN D 233 -15.01 -7.61 24.06
C GLN D 233 -13.74 -7.62 23.21
N GLU D 234 -13.32 -8.80 22.76
CA GLU D 234 -12.07 -8.95 22.00
C GLU D 234 -12.31 -9.08 20.50
N ALA D 235 -13.53 -8.79 20.06
CA ALA D 235 -13.90 -8.95 18.65
C ALA D 235 -13.02 -8.09 17.71
N GLY D 236 -12.82 -6.83 18.07
CA GLY D 236 -11.94 -5.95 17.31
C GLY D 236 -10.54 -6.50 17.15
N THR D 237 -9.98 -7.01 18.24
CA THR D 237 -8.67 -7.65 18.23
C THR D 237 -8.66 -8.92 17.38
N GLU D 238 -9.77 -9.65 17.37
CA GLU D 238 -9.91 -10.84 16.52
C GLU D 238 -9.74 -10.48 15.03
N VAL D 239 -10.34 -9.37 14.61
CA VAL D 239 -10.23 -8.92 13.23
C VAL D 239 -8.82 -8.38 12.93
N VAL D 240 -8.23 -7.69 13.90
CA VAL D 240 -6.87 -7.20 13.75
C VAL D 240 -5.90 -8.35 13.47
N LYS D 241 -6.00 -9.42 14.26
CA LYS D 241 -5.12 -10.58 14.07
C LYS D 241 -5.39 -11.29 12.74
N ALA D 242 -6.66 -11.43 12.39
CA ALA D 242 -7.05 -12.05 11.12
C ALA D 242 -6.52 -11.29 9.90
N LYS D 243 -6.45 -9.96 9.99
CA LYS D 243 -5.89 -9.13 8.90
C LYS D 243 -4.35 -9.03 8.90
N ALA D 244 -3.71 -9.60 9.93
CA ALA D 244 -2.25 -9.76 9.99
C ALA D 244 -1.45 -8.52 9.60
N GLY D 245 -1.83 -7.36 10.15
CA GLY D 245 -1.15 -6.11 9.87
C GLY D 245 -1.74 -5.26 8.75
N ALA D 246 -2.77 -5.77 8.06
CA ALA D 246 -3.42 -5.00 6.98
C ALA D 246 -4.54 -4.06 7.47
N GLY D 247 -4.63 -3.84 8.78
CA GLY D 247 -5.58 -2.89 9.35
C GLY D 247 -6.58 -3.57 10.26
N SER D 248 -7.62 -2.82 10.64
CA SER D 248 -8.66 -3.30 11.54
C SER D 248 -9.99 -3.40 10.79
N ALA D 249 -11.09 -3.61 11.52
CA ALA D 249 -12.43 -3.68 10.93
C ALA D 249 -12.75 -2.44 10.09
N THR D 250 -13.09 -2.66 8.83
CA THR D 250 -13.39 -1.56 7.91
C THR D 250 -14.81 -1.68 7.37
N LEU D 251 -15.13 -2.85 6.82
CA LEU D 251 -16.41 -3.07 6.17
C LEU D 251 -17.55 -3.19 7.18
N SER D 252 -17.29 -3.89 8.29
CA SER D 252 -18.29 -4.04 9.35
C SER D 252 -18.46 -2.72 10.07
N MET D 253 -17.38 -1.97 10.24
CA MET D 253 -17.48 -0.65 10.88
C MET D 253 -18.22 0.33 9.97
N ALA D 254 -18.03 0.21 8.66
CA ALA D 254 -18.79 1.02 7.71
C ALA D 254 -20.28 0.70 7.85
N TYR D 255 -20.60 -0.59 7.97
CA TYR D 255 -21.97 -1.02 8.21
C TYR D 255 -22.51 -0.38 9.50
N ALA D 256 -21.80 -0.59 10.60
CA ALA D 256 -22.23 -0.09 11.90
C ALA D 256 -22.36 1.42 11.95
N GLY D 257 -21.42 2.12 11.30
CA GLY D 257 -21.43 3.59 11.26
C GLY D 257 -22.56 4.14 10.41
N ALA D 258 -22.79 3.52 9.25
CA ALA D 258 -23.94 3.85 8.41
C ALA D 258 -25.25 3.70 9.18
N ARG D 259 -25.40 2.58 9.91
CA ARG D 259 -26.60 2.31 10.70
C ARG D 259 -26.85 3.42 11.72
N PHE D 260 -25.79 3.83 12.41
CA PHE D 260 -25.91 4.85 13.44
C PHE D 260 -26.32 6.20 12.85
N VAL D 261 -25.75 6.54 11.70
CA VAL D 261 -26.09 7.79 11.04
C VAL D 261 -27.54 7.72 10.56
N PHE D 262 -27.93 6.61 9.93
CA PHE D 262 -29.30 6.45 9.47
C PHE D 262 -30.30 6.58 10.62
N SER D 263 -30.02 5.91 11.73
CA SER D 263 -30.83 6.03 12.94
C SER D 263 -30.94 7.48 13.39
N LEU D 264 -29.81 8.19 13.35
CA LEU D 264 -29.75 9.58 13.78
C LEU D 264 -30.48 10.51 12.81
N VAL D 265 -30.37 10.22 11.51
CA VAL D 265 -31.05 11.02 10.49
C VAL D 265 -32.57 10.74 10.47
N ASP D 266 -32.96 9.50 10.75
CA ASP D 266 -34.39 9.16 10.92
C ASP D 266 -35.00 9.95 12.08
N ALA D 267 -34.33 9.93 13.23
CA ALA D 267 -34.80 10.67 14.40
C ALA D 267 -34.94 12.15 14.11
N MET D 268 -33.99 12.71 13.36
CA MET D 268 -34.05 14.12 12.97
C MET D 268 -35.22 14.42 12.03
N ASN D 269 -35.63 13.43 11.25
CA ASN D 269 -36.83 13.53 10.40
C ASN D 269 -38.13 13.24 11.15
N GLY D 270 -38.05 13.09 12.47
CA GLY D 270 -39.23 12.90 13.30
C GLY D 270 -39.68 11.46 13.46
N LYS D 271 -38.82 10.50 13.10
CA LYS D 271 -39.18 9.10 13.31
C LYS D 271 -39.08 8.77 14.79
N GLU D 272 -40.04 7.96 15.25
CA GLU D 272 -40.21 7.65 16.66
C GLU D 272 -39.70 6.24 16.98
N GLY D 273 -39.20 6.06 18.20
CA GLY D 273 -38.77 4.75 18.68
C GLY D 273 -37.34 4.39 18.29
N VAL D 274 -36.59 5.38 17.80
CA VAL D 274 -35.20 5.16 17.38
C VAL D 274 -34.28 5.12 18.59
N VAL D 275 -33.76 3.93 18.91
CA VAL D 275 -32.89 3.71 20.05
C VAL D 275 -31.52 3.16 19.63
N GLU D 276 -30.46 3.81 20.09
CA GLU D 276 -29.09 3.36 19.83
C GLU D 276 -28.23 3.55 21.05
N CYS D 277 -27.42 2.54 21.37
CA CYS D 277 -26.37 2.71 22.37
C CYS D 277 -25.29 3.60 21.77
N SER D 278 -24.70 4.45 22.60
CA SER D 278 -23.62 5.31 22.15
C SER D 278 -22.95 5.97 23.35
N PHE D 279 -21.64 6.15 23.25
CA PHE D 279 -20.81 6.69 24.31
C PHE D 279 -20.97 8.21 24.30
N VAL D 280 -21.62 8.74 25.33
CA VAL D 280 -22.03 10.14 25.37
C VAL D 280 -21.84 10.75 26.75
N LYS D 281 -21.99 12.07 26.84
CA LYS D 281 -22.02 12.78 28.12
C LYS D 281 -23.15 12.19 28.95
N SER D 282 -22.81 11.66 30.14
CA SER D 282 -23.74 10.84 30.91
C SER D 282 -23.73 11.17 32.39
N GLN D 283 -24.87 10.92 33.04
CA GLN D 283 -24.99 11.00 34.50
C GLN D 283 -25.56 9.71 35.09
N GLU D 284 -25.48 8.61 34.34
CA GLU D 284 -25.99 7.31 34.79
C GLU D 284 -25.08 6.66 35.84
N THR D 285 -23.81 7.05 35.86
CA THR D 285 -22.81 6.51 36.79
C THR D 285 -21.86 7.63 37.23
N GLU D 286 -20.83 7.28 38.01
CA GLU D 286 -19.81 8.27 38.39
C GLU D 286 -18.91 8.70 37.21
N CYS D 287 -19.02 8.00 36.07
CA CYS D 287 -18.32 8.39 34.85
C CYS D 287 -19.01 9.56 34.14
N THR D 288 -18.22 10.55 33.73
CA THR D 288 -18.70 11.72 32.98
C THR D 288 -19.24 11.34 31.61
N TYR D 289 -18.69 10.25 31.06
CA TYR D 289 -19.08 9.75 29.75
C TYR D 289 -19.28 8.26 29.87
N PHE D 290 -20.32 7.76 29.20
CA PHE D 290 -20.74 6.38 29.37
C PHE D 290 -21.70 6.04 28.23
N SER D 291 -21.73 4.77 27.83
CA SER D 291 -22.64 4.34 26.78
C SER D 291 -23.83 3.62 27.36
N THR D 292 -25.03 4.03 26.95
CA THR D 292 -26.28 3.35 27.29
C THR D 292 -27.20 3.50 26.09
N PRO D 293 -28.27 2.70 26.03
CA PRO D 293 -29.26 2.94 24.97
C PRO D 293 -29.82 4.35 25.07
N LEU D 294 -29.77 5.09 23.97
CA LEU D 294 -30.27 6.46 23.94
C LEU D 294 -31.48 6.50 23.02
N LEU D 295 -32.55 7.15 23.48
CA LEU D 295 -33.67 7.49 22.61
C LEU D 295 -33.26 8.73 21.84
N LEU D 296 -33.21 8.62 20.51
CA LEU D 296 -32.81 9.73 19.66
C LEU D 296 -34.05 10.46 19.13
N GLY D 297 -33.94 11.78 19.00
CA GLY D 297 -35.03 12.60 18.49
C GLY D 297 -34.52 13.73 17.62
N LYS D 298 -35.39 14.71 17.38
CA LYS D 298 -35.11 15.81 16.46
C LYS D 298 -33.89 16.66 16.88
N LYS D 299 -33.65 16.73 18.19
CA LYS D 299 -32.60 17.57 18.76
C LYS D 299 -31.34 16.76 19.16
N GLY D 300 -31.27 15.52 18.72
CA GLY D 300 -30.19 14.61 19.12
C GLY D 300 -30.68 13.63 20.15
N ILE D 301 -30.00 13.55 21.29
CA ILE D 301 -30.43 12.71 22.38
C ILE D 301 -31.76 13.24 22.94
N GLU D 302 -32.80 12.43 22.82
CA GLU D 302 -34.12 12.76 23.38
C GLU D 302 -34.12 12.42 24.86
N LYS D 303 -33.70 11.19 25.18
CA LYS D 303 -33.67 10.69 26.54
C LYS D 303 -32.66 9.56 26.67
N ASN D 304 -31.79 9.67 27.66
CA ASN D 304 -30.91 8.57 28.01
C ASN D 304 -31.73 7.49 28.72
N LEU D 305 -31.85 6.32 28.10
CA LEU D 305 -32.67 5.25 28.65
C LEU D 305 -32.01 4.52 29.83
N GLY D 306 -30.75 4.86 30.12
CA GLY D 306 -30.08 4.37 31.32
C GLY D 306 -29.62 2.93 31.25
N ILE D 307 -29.01 2.47 32.34
CA ILE D 307 -28.48 1.12 32.43
C ILE D 307 -29.62 0.09 32.50
N GLY D 308 -30.60 0.37 33.36
CA GLY D 308 -31.73 -0.54 33.54
C GLY D 308 -31.42 -1.67 34.51
N LYS D 309 -32.31 -2.65 34.54
CA LYS D 309 -32.17 -3.82 35.41
C LYS D 309 -31.14 -4.77 34.80
N VAL D 310 -30.09 -5.04 35.57
CA VAL D 310 -28.99 -5.89 35.12
C VAL D 310 -28.70 -7.01 36.12
N SER D 311 -28.06 -8.06 35.65
CA SER D 311 -27.67 -9.20 36.50
C SER D 311 -26.48 -8.87 37.39
N SER D 312 -26.17 -9.78 38.31
CA SER D 312 -24.99 -9.64 39.17
C SER D 312 -23.72 -9.65 38.33
N PHE D 313 -23.65 -10.57 37.37
CA PHE D 313 -22.53 -10.67 36.45
C PHE D 313 -22.30 -9.34 35.73
N GLU D 314 -23.36 -8.81 35.15
CA GLU D 314 -23.30 -7.53 34.46
C GLU D 314 -23.00 -6.38 35.40
N GLU D 315 -23.50 -6.47 36.63
CA GLU D 315 -23.22 -5.46 37.66
C GLU D 315 -21.74 -5.44 38.04
N LYS D 316 -21.10 -6.61 38.06
CA LYS D 316 -19.66 -6.68 38.37
C LYS D 316 -18.83 -6.01 37.27
N MET D 317 -19.14 -6.32 36.01
CA MET D 317 -18.44 -5.73 34.87
C MET D 317 -18.51 -4.20 34.84
N ILE D 318 -19.68 -3.64 35.19
CA ILE D 318 -19.84 -2.19 35.30
C ILE D 318 -18.86 -1.64 36.34
N SER D 319 -18.89 -2.27 37.52
CA SER D 319 -18.01 -1.89 38.63
C SER D 319 -16.54 -2.01 38.23
N ASP D 320 -16.18 -3.15 37.64
CA ASP D 320 -14.82 -3.40 37.15
C ASP D 320 -14.35 -2.40 36.08
N ALA D 321 -15.29 -1.93 35.26
CA ALA D 321 -14.97 -1.05 34.13
C ALA D 321 -14.73 0.41 34.52
N ILE D 322 -15.41 0.88 35.56
CA ILE D 322 -15.44 2.31 35.86
C ILE D 322 -14.06 2.96 36.00
N PRO D 323 -13.13 2.33 36.76
CA PRO D 323 -11.80 2.91 36.90
C PRO D 323 -11.08 3.16 35.57
N GLU D 324 -11.16 2.21 34.65
CA GLU D 324 -10.55 2.34 33.33
C GLU D 324 -11.20 3.47 32.51
N LEU D 325 -12.52 3.55 32.55
CA LEU D 325 -13.25 4.61 31.86
C LEU D 325 -12.89 5.99 32.38
N LYS D 326 -12.79 6.13 33.71
CA LYS D 326 -12.39 7.40 34.31
C LYS D 326 -10.99 7.81 33.85
N ALA D 327 -10.06 6.85 33.81
CA ALA D 327 -8.70 7.11 33.34
C ALA D 327 -8.67 7.57 31.89
N SER D 328 -9.34 6.82 31.02
CA SER D 328 -9.45 7.18 29.60
C SER D 328 -10.06 8.57 29.43
N ILE D 329 -11.12 8.86 30.18
CA ILE D 329 -11.77 10.17 30.13
C ILE D 329 -10.81 11.28 30.56
N LYS D 330 -10.11 11.06 31.68
CA LYS D 330 -9.17 12.05 32.22
C LYS D 330 -8.05 12.33 31.20
N LYS D 331 -7.51 11.27 30.64
CA LYS D 331 -6.48 11.38 29.59
C LYS D 331 -6.91 12.35 28.50
N GLY D 332 -8.12 12.16 27.99
CA GLY D 332 -8.66 13.00 26.92
C GLY D 332 -8.80 14.46 27.32
N GLU D 333 -9.39 14.69 28.49
CA GLU D 333 -9.57 16.03 29.03
C GLU D 333 -8.23 16.74 29.24
N ASP D 334 -7.25 16.00 29.76
CA ASP D 334 -5.90 16.54 29.98
C ASP D 334 -5.21 16.99 28.68
N PHE D 335 -5.46 16.28 27.58
CA PHE D 335 -4.85 16.63 26.30
C PHE D 335 -5.26 18.01 25.81
N VAL D 336 -6.55 18.31 25.89
CA VAL D 336 -7.08 19.61 25.44
C VAL D 336 -6.63 20.72 26.39
N LYS D 337 -6.42 20.37 27.65
CA LYS D 337 -5.95 21.30 28.68
C LYS D 337 -4.61 21.94 28.30
N THR D 338 -3.80 21.21 27.53
CA THR D 338 -2.49 21.70 27.07
C THR D 338 -2.52 22.20 25.61
N LEU D 339 -3.63 22.81 25.20
CA LEU D 339 -3.72 23.44 23.87
C LEU D 339 -4.05 24.93 24.01
#